data_3DPQ
#
_entry.id   3DPQ
#
_cell.length_a   77.712
_cell.length_b   91.653
_cell.length_c   154.797
_cell.angle_alpha   90.000
_cell.angle_beta   90.000
_cell.angle_gamma   90.000
#
_symmetry.space_group_name_H-M   'P 21 21 21'
#
loop_
_entity.id
_entity.type
_entity.pdbx_description
1 polymer 'Chaperone protein dnaK'
2 polymer 'inhibitor peptide'
3 non-polymer 'SULFATE ION'
4 water water
#
loop_
_entity_poly.entity_id
_entity_poly.type
_entity_poly.pdbx_seq_one_letter_code
_entity_poly.pdbx_strand_id
1 'polypeptide(L)'
;VLLLDVTPLSLGIETMGGVMTTLIAKNTTIPTKHSQVFSTAEDNQSAVTIHVLQGERKRAADNKSLGQFNLDGINPAPRG
MPQIEVTFDIDADGILHVSAKDKNSGKEQKITIKASSGLNEDEIQKMVRDAEANAEADRKFEELVQTRNQGDHLLHSTRK
QVEEAGDKLPADDKTAIESALTALETALKGEDKAAIEAKMQELAQVSQKLMEIAQQQHA
;
A,B,E,F
2 'polypeptide(L)' VDKLY(ALC)LPRPTPPRPIYNRN C,D,G,H
#
loop_
_chem_comp.id
_chem_comp.type
_chem_comp.name
_chem_comp.formula
SO4 non-polymer 'SULFATE ION' 'O4 S -2'
#
# COMPACT_ATOMS: atom_id res chain seq x y z
N VAL A 1 -23.45 -11.04 47.24
CA VAL A 1 -22.03 -11.21 46.78
C VAL A 1 -21.80 -10.53 45.46
N LEU A 2 -20.52 -10.25 45.27
CA LEU A 2 -19.98 -9.36 44.22
C LEU A 2 -19.26 -10.13 43.15
N LEU A 3 -18.86 -11.32 43.55
CA LEU A 3 -18.25 -12.26 42.61
C LEU A 3 -18.59 -13.70 42.94
N LEU A 4 -18.34 -14.53 41.94
CA LEU A 4 -18.68 -15.94 42.00
C LEU A 4 -18.01 -16.73 40.89
N ASP A 5 -17.87 -18.01 41.18
CA ASP A 5 -17.46 -18.99 40.18
C ASP A 5 -18.63 -19.36 39.35
N VAL A 6 -18.35 -19.36 38.05
CA VAL A 6 -19.28 -19.77 36.99
C VAL A 6 -18.52 -20.68 36.05
N THR A 7 -19.28 -21.33 35.20
CA THR A 7 -18.73 -22.12 34.09
C THR A 7 -18.80 -21.15 32.91
N PRO A 8 -17.65 -20.78 32.35
CA PRO A 8 -17.66 -19.58 31.52
C PRO A 8 -18.50 -19.77 30.27
N LEU A 9 -18.38 -20.96 29.72
CA LEU A 9 -19.06 -21.35 28.45
C LEU A 9 -20.07 -22.49 28.56
N SER A 10 -21.04 -22.47 27.65
CA SER A 10 -22.10 -23.48 27.61
C SER A 10 -21.46 -24.82 27.49
N LEU A 11 -22.06 -25.82 28.13
CA LEU A 11 -21.58 -27.20 28.04
C LEU A 11 -22.68 -28.16 27.63
N GLY A 12 -22.30 -29.09 26.78
CA GLY A 12 -23.26 -30.07 26.25
C GLY A 12 -22.61 -31.26 25.57
N ILE A 13 -23.34 -31.82 24.60
CA ILE A 13 -22.87 -33.01 23.87
C ILE A 13 -23.36 -32.98 22.43
N GLU A 14 -22.68 -33.75 21.59
CA GLU A 14 -23.02 -33.83 20.15
C GLU A 14 -24.18 -34.77 19.83
N THR A 15 -25.26 -34.17 19.37
CA THR A 15 -26.44 -34.89 18.93
C THR A 15 -26.46 -35.18 17.43
N MET A 16 -27.40 -36.03 17.11
CA MET A 16 -27.64 -36.38 15.69
C MET A 16 -27.73 -35.10 14.87
N GLY A 17 -26.93 -35.08 13.82
CA GLY A 17 -26.93 -34.02 12.81
C GLY A 17 -25.64 -33.24 12.83
N GLY A 18 -24.88 -33.49 13.88
CA GLY A 18 -23.53 -32.90 14.02
C GLY A 18 -23.65 -31.51 14.57
N VAL A 19 -24.54 -31.45 15.53
CA VAL A 19 -24.97 -30.24 16.23
C VAL A 19 -24.80 -30.46 17.70
N MET A 20 -24.38 -29.43 18.39
CA MET A 20 -24.22 -29.48 19.86
C MET A 20 -25.53 -29.06 20.50
N THR A 21 -25.89 -29.84 21.52
CA THR A 21 -27.05 -29.57 22.37
C THR A 21 -26.55 -29.31 23.78
N THR A 22 -27.27 -28.47 24.50
CA THR A 22 -26.72 -27.82 25.73
C THR A 22 -27.36 -28.28 27.04
N LEU A 23 -26.46 -28.61 27.96
CA LEU A 23 -26.83 -29.18 29.26
C LEU A 23 -26.69 -28.15 30.35
N ILE A 24 -25.52 -27.58 30.37
CA ILE A 24 -25.24 -26.41 31.24
C ILE A 24 -25.07 -25.18 30.37
N ALA A 25 -25.82 -24.16 30.72
CA ALA A 25 -25.75 -22.86 30.01
C ALA A 25 -24.57 -22.05 30.51
N LYS A 26 -23.94 -21.34 29.58
CA LYS A 26 -22.75 -20.51 29.88
C LYS A 26 -23.06 -19.58 31.00
N ASN A 27 -22.15 -19.55 31.97
CA ASN A 27 -22.16 -18.52 32.98
C ASN A 27 -23.07 -18.95 34.09
N THR A 28 -23.36 -20.24 34.05
CA THR A 28 -24.07 -20.90 35.15
C THR A 28 -23.21 -20.92 36.41
N THR A 29 -23.86 -20.75 37.55
CA THR A 29 -23.14 -20.77 38.83
C THR A 29 -22.78 -22.18 39.24
N ILE A 30 -21.49 -22.39 39.45
CA ILE A 30 -20.96 -23.68 39.90
C ILE A 30 -21.01 -23.65 41.42
N PRO A 31 -21.22 -24.80 42.06
CA PRO A 31 -21.50 -26.07 41.43
C PRO A 31 -22.88 -26.12 40.88
N THR A 32 -23.06 -27.06 39.96
CA THR A 32 -24.33 -27.29 39.29
C THR A 32 -24.44 -28.62 38.57
N LYS A 33 -25.64 -29.15 38.63
CA LYS A 33 -25.98 -30.45 38.09
C LYS A 33 -27.11 -30.33 37.08
N HIS A 34 -26.99 -31.03 35.96
CA HIS A 34 -28.10 -31.09 35.01
C HIS A 34 -28.21 -32.39 34.26
N SER A 35 -29.41 -32.94 34.32
CA SER A 35 -29.76 -34.18 33.61
C SER A 35 -30.71 -33.95 32.46
N GLN A 36 -30.52 -34.73 31.41
CA GLN A 36 -31.44 -34.76 30.24
C GLN A 36 -31.46 -36.10 29.59
N VAL A 37 -32.62 -36.43 29.03
CA VAL A 37 -32.82 -37.71 28.39
C VAL A 37 -32.73 -37.62 26.90
N PHE A 38 -31.86 -38.44 26.38
CA PHE A 38 -31.63 -38.57 24.94
C PHE A 38 -32.02 -39.93 24.56
N SER A 39 -32.20 -40.07 23.26
CA SER A 39 -32.45 -41.40 22.71
C SER A 39 -31.44 -41.69 21.64
N THR A 40 -31.82 -42.68 20.86
CA THR A 40 -31.01 -43.26 19.79
C THR A 40 -31.37 -42.70 18.41
N ALA A 41 -30.36 -42.67 17.56
CA ALA A 41 -30.43 -41.97 16.29
C ALA A 41 -31.38 -42.70 15.37
N GLU A 42 -30.90 -43.84 14.99
CA GLU A 42 -31.60 -44.75 14.12
C GLU A 42 -31.96 -46.01 14.88
N ASP A 43 -32.55 -46.95 14.14
CA ASP A 43 -33.08 -48.20 14.70
C ASP A 43 -31.96 -49.20 14.94
N ASN A 44 -32.16 -49.98 15.98
CA ASN A 44 -31.33 -51.17 16.22
C ASN A 44 -29.96 -50.79 16.67
N GLN A 45 -29.93 -49.61 17.26
CA GLN A 45 -28.70 -49.01 17.73
C GLN A 45 -28.32 -49.55 19.08
N SER A 46 -27.21 -50.25 19.08
CA SER A 46 -26.68 -50.93 20.26
C SER A 46 -25.59 -50.10 20.94
N ALA A 47 -25.49 -48.83 20.55
CA ALA A 47 -24.60 -47.92 21.29
C ALA A 47 -24.55 -46.49 20.80
N VAL A 48 -24.17 -45.64 21.73
CA VAL A 48 -24.09 -44.17 21.49
C VAL A 48 -22.74 -43.66 21.87
N THR A 49 -22.39 -42.52 21.27
CA THR A 49 -21.21 -41.75 21.64
C THR A 49 -21.68 -40.58 22.50
N ILE A 50 -21.00 -40.39 23.63
CA ILE A 50 -21.21 -39.22 24.48
C ILE A 50 -19.98 -38.32 24.36
N HIS A 51 -20.07 -37.45 23.37
CA HIS A 51 -19.01 -36.53 22.97
C HIS A 51 -19.29 -35.16 23.55
N VAL A 52 -18.44 -34.78 24.51
CA VAL A 52 -18.62 -33.57 25.31
C VAL A 52 -17.99 -32.35 24.66
N LEU A 53 -18.55 -31.21 24.99
CA LEU A 53 -18.30 -29.97 24.27
C LEU A 53 -18.52 -28.69 25.04
N GLN A 54 -17.61 -27.77 24.81
CA GLN A 54 -17.64 -26.42 25.36
C GLN A 54 -17.66 -25.44 24.20
N GLY A 55 -18.61 -24.53 24.25
CA GLY A 55 -18.85 -23.58 23.17
C GLY A 55 -20.27 -23.07 23.05
N GLU A 56 -20.37 -21.93 22.38
CA GLU A 56 -21.63 -21.22 22.18
C GLU A 56 -22.18 -21.48 20.78
N ARG A 57 -21.55 -22.41 20.09
CA ARG A 57 -21.86 -22.71 18.68
C ARG A 57 -22.70 -23.94 18.44
N LYS A 58 -23.32 -23.92 17.26
CA LYS A 58 -24.36 -24.88 16.91
C LYS A 58 -23.71 -26.13 16.35
N ARG A 59 -22.80 -25.86 15.44
CA ARG A 59 -22.01 -26.90 14.80
C ARG A 59 -20.98 -27.46 15.80
N ALA A 60 -21.15 -28.73 16.12
CA ALA A 60 -20.34 -29.39 17.16
C ALA A 60 -18.84 -29.28 16.88
N ALA A 61 -18.53 -29.28 15.60
CA ALA A 61 -17.11 -29.21 15.21
C ALA A 61 -16.57 -27.86 15.66
N ASP A 62 -17.44 -26.86 15.65
CA ASP A 62 -17.06 -25.45 15.85
C ASP A 62 -16.89 -25.16 17.31
N ASN A 63 -16.88 -26.21 18.09
CA ASN A 63 -16.61 -26.07 19.52
C ASN A 63 -15.50 -26.94 20.03
N LYS A 64 -15.20 -26.67 21.28
CA LYS A 64 -14.11 -27.30 22.02
C LYS A 64 -14.54 -28.67 22.60
N SER A 65 -14.06 -29.72 21.98
CA SER A 65 -14.25 -31.06 22.54
C SER A 65 -13.43 -31.23 23.81
N LEU A 66 -14.15 -31.43 24.91
CA LEU A 66 -13.58 -31.57 26.26
C LEU A 66 -13.24 -33.04 26.54
N GLY A 67 -13.73 -33.90 25.67
CA GLY A 67 -13.56 -35.36 25.84
C GLY A 67 -14.79 -36.17 25.53
N GLN A 68 -14.57 -37.45 25.30
CA GLN A 68 -15.68 -38.39 24.93
C GLN A 68 -15.60 -39.82 25.42
N PHE A 69 -16.73 -40.47 25.27
CA PHE A 69 -16.86 -41.91 25.57
C PHE A 69 -18.01 -42.64 24.85
N ASN A 70 -18.01 -43.94 25.04
CA ASN A 70 -18.97 -44.84 24.39
C ASN A 70 -19.79 -45.66 25.36
N LEU A 71 -21.11 -45.48 25.28
CA LEU A 71 -22.07 -46.33 26.00
C LEU A 71 -22.56 -47.43 25.09
N ASP A 72 -22.18 -48.62 25.50
CA ASP A 72 -22.32 -49.84 24.71
C ASP A 72 -23.11 -50.88 25.47
N GLY A 73 -23.91 -51.64 24.74
CA GLY A 73 -24.69 -52.75 25.32
C GLY A 73 -26.17 -52.47 25.40
N ILE A 74 -26.58 -51.48 24.62
N ILE A 74 -26.58 -51.49 24.62
CA ILE A 74 -27.97 -51.05 24.55
CA ILE A 74 -27.97 -51.04 24.56
C ILE A 74 -28.82 -52.03 23.78
C ILE A 74 -28.84 -51.96 23.76
N ASN A 75 -29.97 -52.34 24.34
CA ASN A 75 -30.90 -53.26 23.69
C ASN A 75 -31.35 -52.74 22.32
N PRO A 76 -30.94 -53.40 21.25
CA PRO A 76 -31.41 -52.79 20.02
C PRO A 76 -32.91 -52.57 20.00
N ALA A 77 -33.29 -51.36 19.66
CA ALA A 77 -34.69 -50.93 19.72
C ALA A 77 -34.99 -49.75 18.80
N PRO A 78 -36.21 -49.71 18.27
CA PRO A 78 -36.44 -48.58 17.35
C PRO A 78 -35.83 -47.30 17.85
N ARG A 79 -35.44 -46.45 16.91
CA ARG A 79 -35.06 -45.07 17.23
C ARG A 79 -36.10 -44.41 18.12
N GLY A 80 -35.57 -43.69 19.08
CA GLY A 80 -36.37 -42.82 19.96
C GLY A 80 -36.85 -43.54 21.22
N MET A 81 -36.88 -44.85 21.12
CA MET A 81 -37.37 -45.70 22.25
C MET A 81 -36.46 -45.77 23.48
N PRO A 82 -35.17 -46.14 23.30
CA PRO A 82 -34.21 -46.11 24.42
C PRO A 82 -34.14 -44.78 25.15
N GLN A 83 -34.08 -44.89 26.47
CA GLN A 83 -34.19 -43.75 27.39
C GLN A 83 -32.89 -43.45 28.13
N ILE A 84 -31.83 -43.40 27.32
N ILE A 84 -31.81 -43.44 27.35
CA ILE A 84 -30.45 -43.05 27.75
CA ILE A 84 -30.46 -43.18 27.88
C ILE A 84 -30.32 -41.68 28.40
C ILE A 84 -30.28 -41.76 28.40
N GLU A 85 -30.17 -41.68 29.72
CA GLU A 85 -30.10 -40.39 30.52
C GLU A 85 -28.70 -39.85 30.75
N VAL A 86 -28.56 -38.54 30.50
CA VAL A 86 -27.28 -37.86 30.56
C VAL A 86 -27.19 -36.77 31.59
N THR A 87 -26.25 -36.99 32.49
CA THR A 87 -26.07 -36.12 33.63
C THR A 87 -24.75 -35.37 33.53
N PHE A 88 -24.87 -34.10 33.89
CA PHE A 88 -23.77 -33.12 33.94
C PHE A 88 -23.71 -32.54 35.31
N ASP A 89 -22.63 -32.86 35.98
CA ASP A 89 -22.37 -32.31 37.31
C ASP A 89 -20.99 -31.68 37.37
N ILE A 90 -20.99 -30.48 37.90
CA ILE A 90 -19.74 -29.74 38.07
C ILE A 90 -19.58 -29.40 39.53
N ASP A 91 -18.58 -30.03 40.12
CA ASP A 91 -18.32 -29.87 41.57
C ASP A 91 -17.73 -28.51 41.83
N ALA A 92 -17.38 -28.32 43.08
CA ALA A 92 -17.12 -26.98 43.61
C ALA A 92 -15.76 -26.48 43.16
N ASP A 93 -15.03 -27.38 42.51
CA ASP A 93 -13.63 -27.14 42.06
C ASP A 93 -13.48 -27.16 40.55
N GLY A 94 -14.60 -27.15 39.87
CA GLY A 94 -14.60 -27.04 38.40
C GLY A 94 -14.36 -28.34 37.71
N ILE A 95 -14.23 -29.39 38.50
CA ILE A 95 -14.20 -30.77 37.90
C ILE A 95 -15.56 -31.16 37.45
N LEU A 96 -15.61 -31.53 36.18
CA LEU A 96 -16.86 -31.87 35.50
C LEU A 96 -17.00 -33.35 35.39
N HIS A 97 -18.19 -33.85 35.77
CA HIS A 97 -18.56 -35.26 35.62
C HIS A 97 -19.80 -35.46 34.78
N VAL A 98 -19.59 -36.17 33.69
CA VAL A 98 -20.63 -36.56 32.79
C VAL A 98 -20.85 -38.06 32.89
N SER A 99 -22.12 -38.44 33.00
CA SER A 99 -22.56 -39.84 32.97
C SER A 99 -23.71 -40.05 32.00
N ALA A 100 -23.71 -41.24 31.43
CA ALA A 100 -24.78 -41.72 30.52
C ALA A 100 -25.34 -43.07 30.94
N LYS A 101 -26.63 -43.10 31.15
CA LYS A 101 -27.31 -44.33 31.65
C LYS A 101 -28.52 -44.72 30.85
N ASP A 102 -28.39 -45.85 30.17
CA ASP A 102 -29.50 -46.49 29.44
C ASP A 102 -30.44 -47.10 30.48
N LYS A 103 -31.61 -46.49 30.63
CA LYS A 103 -32.53 -46.87 31.72
C LYS A 103 -32.98 -48.32 31.60
N ASN A 104 -33.01 -48.82 30.38
CA ASN A 104 -33.56 -50.17 30.16
C ASN A 104 -32.57 -51.25 30.63
N SER A 105 -31.29 -51.05 30.37
CA SER A 105 -30.26 -52.07 30.67
C SER A 105 -29.58 -51.77 32.00
N GLY A 106 -29.54 -50.52 32.32
CA GLY A 106 -28.96 -50.13 33.59
C GLY A 106 -27.47 -50.03 33.35
N LYS A 107 -27.16 -50.12 32.07
CA LYS A 107 -25.80 -49.84 31.56
C LYS A 107 -25.44 -48.38 31.77
N GLU A 108 -24.27 -48.15 32.35
CA GLU A 108 -23.80 -46.79 32.59
C GLU A 108 -22.29 -46.61 32.49
N GLN A 109 -21.98 -45.38 32.20
CA GLN A 109 -20.60 -44.94 32.15
C GLN A 109 -20.46 -43.49 32.56
N LYS A 110 -19.21 -43.13 32.72
CA LYS A 110 -18.82 -41.79 33.16
C LYS A 110 -17.53 -41.31 32.55
N ILE A 111 -17.43 -40.01 32.52
CA ILE A 111 -16.16 -39.39 32.23
C ILE A 111 -15.89 -38.34 33.28
N THR A 112 -14.63 -38.04 33.41
CA THR A 112 -14.18 -37.08 34.40
C THR A 112 -13.26 -36.08 33.75
N ILE A 113 -13.73 -34.85 33.72
N ILE A 113 -13.74 -34.85 33.70
CA ILE A 113 -13.02 -33.76 33.03
CA ILE A 113 -13.03 -33.74 33.04
C ILE A 113 -12.54 -32.70 34.03
C ILE A 113 -12.53 -32.73 34.06
N LYS A 114 -11.23 -32.47 33.98
CA LYS A 114 -10.53 -31.60 34.94
C LYS A 114 -10.81 -30.17 34.62
N ALA A 115 -10.53 -29.37 35.63
CA ALA A 115 -11.07 -27.99 35.74
C ALA A 115 -10.37 -27.09 34.77
N SER A 116 -9.14 -27.49 34.49
CA SER A 116 -8.21 -26.69 33.70
C SER A 116 -8.37 -26.97 32.20
N SER A 117 -9.27 -27.87 31.88
CA SER A 117 -9.56 -28.26 30.47
C SER A 117 -10.28 -27.16 29.76
N GLY A 118 -10.31 -27.32 28.44
CA GLY A 118 -11.00 -26.40 27.53
C GLY A 118 -10.25 -25.16 27.07
N LEU A 119 -11.07 -24.14 26.82
CA LEU A 119 -10.61 -22.81 26.29
C LEU A 119 -10.24 -21.77 27.38
N ASN A 120 -9.24 -20.93 27.08
CA ASN A 120 -8.85 -19.76 27.95
C ASN A 120 -9.76 -18.54 27.83
N GLU A 121 -9.32 -17.47 28.44
CA GLU A 121 -10.21 -16.31 28.60
C GLU A 121 -10.40 -15.63 27.26
N ASP A 122 -9.32 -15.67 26.50
CA ASP A 122 -9.22 -14.91 25.26
C ASP A 122 -9.89 -15.70 24.13
N GLU A 123 -9.83 -17.02 24.25
CA GLU A 123 -10.43 -17.92 23.25
C GLU A 123 -11.88 -18.06 23.58
N ILE A 124 -12.17 -17.67 24.81
CA ILE A 124 -13.51 -17.71 25.36
C ILE A 124 -14.21 -16.55 24.75
N GLN A 125 -13.57 -15.40 24.98
N GLN A 125 -13.58 -15.40 24.95
CA GLN A 125 -13.98 -14.12 24.39
CA GLN A 125 -14.03 -14.15 24.38
C GLN A 125 -14.25 -14.32 22.91
C GLN A 125 -14.25 -14.32 22.90
N LYS A 126 -13.31 -15.03 22.30
CA LYS A 126 -13.28 -15.24 20.84
C LYS A 126 -14.46 -16.05 20.37
N MET A 127 -14.89 -16.93 21.26
CA MET A 127 -15.91 -17.93 20.98
C MET A 127 -17.24 -17.26 21.07
N VAL A 128 -17.37 -16.45 22.11
CA VAL A 128 -18.66 -15.79 22.33
C VAL A 128 -18.82 -14.69 21.32
N ARG A 129 -17.67 -14.20 20.84
CA ARG A 129 -17.65 -13.16 19.85
C ARG A 129 -18.11 -13.79 18.55
N ASP A 130 -17.38 -14.83 18.16
CA ASP A 130 -17.55 -15.42 16.81
C ASP A 130 -18.92 -16.06 16.72
N ALA A 131 -19.54 -16.09 17.89
CA ALA A 131 -20.82 -16.73 18.07
C ALA A 131 -21.86 -15.77 17.60
N GLU A 132 -21.81 -14.65 18.29
CA GLU A 132 -22.67 -13.49 18.03
C GLU A 132 -22.64 -13.16 16.56
N ALA A 133 -21.49 -13.41 15.96
CA ALA A 133 -21.17 -12.96 14.59
C ALA A 133 -21.55 -13.99 13.54
N ASN A 134 -21.90 -15.16 14.00
CA ASN A 134 -22.24 -16.27 13.11
C ASN A 134 -23.62 -16.80 13.45
N ALA A 135 -24.37 -15.98 14.14
CA ALA A 135 -25.56 -16.45 14.84
C ALA A 135 -26.57 -16.91 13.83
N GLU A 136 -26.39 -16.39 12.64
CA GLU A 136 -27.42 -16.48 11.63
C GLU A 136 -27.25 -17.75 10.86
N ALA A 137 -26.01 -18.02 10.49
CA ALA A 137 -25.74 -19.20 9.66
C ALA A 137 -25.59 -20.41 10.58
N ASP A 138 -25.38 -20.13 11.86
CA ASP A 138 -25.23 -21.23 12.85
C ASP A 138 -26.59 -21.88 12.98
N ARG A 139 -27.60 -21.03 13.10
CA ARG A 139 -29.01 -21.47 13.21
C ARG A 139 -29.39 -22.16 11.92
N LYS A 140 -29.15 -21.42 10.86
CA LYS A 140 -29.39 -21.92 9.50
C LYS A 140 -28.86 -23.32 9.42
N PHE A 141 -27.92 -23.60 10.32
CA PHE A 141 -27.25 -24.92 10.34
C PHE A 141 -28.04 -25.87 11.19
N GLU A 142 -28.55 -25.32 12.27
CA GLU A 142 -29.41 -26.06 13.19
C GLU A 142 -30.66 -26.40 12.45
N GLU A 143 -31.17 -25.39 11.77
CA GLU A 143 -32.32 -25.55 10.87
C GLU A 143 -32.08 -26.60 9.77
N LEU A 144 -30.91 -26.53 9.17
CA LEU A 144 -30.61 -27.37 7.99
C LEU A 144 -30.54 -28.81 8.45
N VAL A 145 -30.27 -28.93 9.75
CA VAL A 145 -29.94 -30.24 10.33
C VAL A 145 -31.18 -30.92 10.91
N GLN A 146 -32.15 -30.12 11.30
CA GLN A 146 -33.43 -30.67 11.74
C GLN A 146 -34.09 -31.28 10.51
N THR A 147 -33.88 -30.65 9.36
CA THR A 147 -34.49 -31.11 8.10
C THR A 147 -33.75 -32.37 7.62
N ARG A 148 -32.44 -32.29 7.67
CA ARG A 148 -31.57 -33.40 7.22
C ARG A 148 -31.92 -34.67 7.97
N ASN A 149 -32.04 -34.50 9.27
CA ASN A 149 -32.36 -35.62 10.16
C ASN A 149 -33.71 -36.26 9.87
N GLN A 150 -34.63 -35.47 9.34
CA GLN A 150 -36.00 -35.96 9.06
C GLN A 150 -36.04 -36.70 7.76
N GLY A 151 -35.06 -36.42 6.93
CA GLY A 151 -34.97 -37.03 5.61
C GLY A 151 -34.29 -38.36 5.78
N ASP A 152 -33.23 -38.30 6.56
CA ASP A 152 -32.40 -39.45 6.89
C ASP A 152 -33.24 -40.51 7.57
N HIS A 153 -34.36 -40.06 8.12
CA HIS A 153 -35.32 -40.92 8.84
C HIS A 153 -36.44 -41.45 7.96
N LEU A 154 -36.93 -40.59 7.06
CA LEU A 154 -37.94 -41.00 6.07
C LEU A 154 -37.26 -41.96 5.12
N LEU A 155 -35.95 -41.79 5.09
CA LEU A 155 -35.10 -42.45 4.13
C LEU A 155 -35.11 -43.92 4.46
N HIS A 156 -34.31 -44.20 5.47
CA HIS A 156 -34.31 -45.45 6.22
C HIS A 156 -35.58 -46.23 6.07
N SER A 157 -36.58 -45.75 6.79
CA SER A 157 -37.80 -46.51 6.92
C SER A 157 -38.30 -46.98 5.55
N THR A 158 -38.39 -46.01 4.65
CA THR A 158 -38.96 -46.23 3.31
C THR A 158 -38.23 -47.35 2.58
N ARG A 159 -37.03 -47.63 3.06
CA ARG A 159 -36.08 -48.45 2.31
C ARG A 159 -36.52 -49.74 2.84
N LYS A 160 -36.46 -49.58 4.14
CA LYS A 160 -37.33 -50.25 5.10
C LYS A 160 -38.67 -50.83 4.69
N GLN A 161 -39.76 -50.08 4.81
CA GLN A 161 -40.98 -50.58 4.16
C GLN A 161 -40.71 -51.23 2.80
N VAL A 162 -39.45 -51.19 2.36
CA VAL A 162 -39.03 -51.75 1.06
C VAL A 162 -38.53 -53.15 1.32
N GLU A 163 -38.41 -53.40 2.60
CA GLU A 163 -37.86 -54.65 3.11
C GLU A 163 -38.97 -55.60 3.56
N GLU A 164 -40.09 -55.01 3.96
CA GLU A 164 -41.22 -55.79 4.54
C GLU A 164 -42.34 -55.85 3.54
N ALA A 165 -42.01 -55.37 2.36
CA ALA A 165 -42.91 -55.42 1.18
C ALA A 165 -42.54 -56.58 0.28
N GLY A 166 -42.82 -56.40 -1.01
CA GLY A 166 -42.66 -57.47 -2.01
C GLY A 166 -43.80 -57.58 -3.01
N ASP A 167 -44.94 -57.07 -2.61
CA ASP A 167 -46.05 -56.81 -3.52
C ASP A 167 -46.03 -55.30 -3.70
N LYS A 168 -44.87 -54.89 -4.18
CA LYS A 168 -44.53 -53.48 -4.39
C LYS A 168 -45.20 -52.96 -5.64
N LEU A 169 -46.07 -53.82 -6.15
CA LEU A 169 -46.83 -53.58 -7.38
C LEU A 169 -46.02 -52.96 -8.55
N PRO A 170 -46.70 -52.18 -9.44
CA PRO A 170 -46.22 -51.96 -10.81
C PRO A 170 -44.78 -52.32 -11.08
N ALA A 171 -43.92 -51.63 -10.34
CA ALA A 171 -42.46 -51.56 -10.59
C ALA A 171 -42.21 -50.18 -11.15
N ASP A 172 -43.28 -49.64 -11.68
CA ASP A 172 -43.33 -48.24 -12.12
C ASP A 172 -43.79 -47.47 -10.91
N ASP A 173 -43.89 -48.27 -9.87
CA ASP A 173 -44.26 -47.84 -8.52
C ASP A 173 -43.04 -47.97 -7.65
N LYS A 174 -42.84 -49.20 -7.25
CA LYS A 174 -41.63 -49.60 -6.53
C LYS A 174 -40.42 -48.86 -7.06
N THR A 175 -40.38 -48.69 -8.37
CA THR A 175 -39.26 -48.00 -9.02
C THR A 175 -39.18 -46.60 -8.49
N ALA A 176 -40.19 -45.85 -8.89
CA ALA A 176 -40.32 -44.44 -8.51
C ALA A 176 -39.59 -44.33 -7.22
N ILE A 177 -39.93 -45.30 -6.38
CA ILE A 177 -39.50 -45.30 -4.98
C ILE A 177 -38.00 -45.26 -4.99
N GLU A 178 -37.44 -46.31 -5.58
CA GLU A 178 -35.99 -46.55 -5.66
C GLU A 178 -35.25 -45.27 -5.95
N SER A 179 -35.86 -44.46 -6.80
CA SER A 179 -35.19 -43.35 -7.48
C SER A 179 -35.33 -42.05 -6.73
N ALA A 180 -36.37 -41.99 -5.91
CA ALA A 180 -36.67 -40.79 -5.15
C ALA A 180 -35.72 -40.80 -3.98
N LEU A 181 -35.34 -42.01 -3.64
CA LEU A 181 -34.55 -42.26 -2.45
C LEU A 181 -33.15 -41.84 -2.83
N THR A 182 -32.97 -41.89 -4.14
CA THR A 182 -31.73 -41.46 -4.79
C THR A 182 -31.61 -39.97 -4.62
N ALA A 183 -32.53 -39.31 -5.29
CA ALA A 183 -32.61 -37.85 -5.29
C ALA A 183 -32.34 -37.37 -3.89
N LEU A 184 -33.18 -37.84 -2.98
CA LEU A 184 -33.15 -37.39 -1.56
C LEU A 184 -31.77 -37.60 -1.01
N GLU A 185 -31.33 -38.83 -1.14
CA GLU A 185 -30.01 -39.22 -0.66
C GLU A 185 -28.98 -38.21 -1.13
N THR A 186 -29.22 -37.71 -2.33
CA THR A 186 -28.38 -36.66 -2.92
C THR A 186 -28.55 -35.40 -2.11
N ALA A 187 -29.76 -34.88 -2.20
CA ALA A 187 -30.11 -33.59 -1.55
C ALA A 187 -29.77 -33.54 -0.07
N LEU A 188 -29.47 -34.72 0.48
CA LEU A 188 -29.21 -34.82 1.92
C LEU A 188 -27.84 -34.25 2.21
N LYS A 189 -27.06 -34.21 1.15
CA LYS A 189 -25.64 -33.94 1.29
C LYS A 189 -25.38 -32.47 1.10
N GLY A 190 -26.24 -31.86 0.29
CA GLY A 190 -26.19 -30.43 0.08
C GLY A 190 -26.48 -29.76 1.40
N GLU A 191 -26.63 -28.45 1.35
CA GLU A 191 -27.06 -27.69 2.53
C GLU A 191 -28.20 -26.81 2.14
N ASP A 192 -28.84 -27.27 1.07
CA ASP A 192 -30.05 -26.68 0.51
C ASP A 192 -31.29 -27.34 1.16
N LYS A 193 -31.82 -26.66 2.16
CA LYS A 193 -32.86 -27.23 3.04
C LYS A 193 -34.16 -27.40 2.30
N ALA A 194 -34.32 -26.56 1.29
CA ALA A 194 -35.50 -26.57 0.45
C ALA A 194 -35.43 -27.81 -0.38
N ALA A 195 -34.21 -28.15 -0.72
CA ALA A 195 -33.95 -29.18 -1.75
C ALA A 195 -34.31 -30.51 -1.16
N ILE A 196 -34.34 -30.54 0.16
CA ILE A 196 -34.47 -31.81 0.89
C ILE A 196 -35.90 -32.03 1.27
N GLU A 197 -36.58 -30.94 1.54
CA GLU A 197 -37.99 -30.99 1.94
C GLU A 197 -38.77 -31.35 0.68
N ALA A 198 -38.20 -30.89 -0.41
CA ALA A 198 -38.84 -30.98 -1.72
C ALA A 198 -38.61 -32.36 -2.29
N LYS A 199 -37.55 -33.00 -1.82
CA LYS A 199 -37.26 -34.36 -2.28
C LYS A 199 -38.01 -35.32 -1.41
N MET A 200 -38.22 -34.90 -0.18
CA MET A 200 -38.98 -35.71 0.78
C MET A 200 -40.38 -35.86 0.23
N GLN A 201 -40.79 -34.86 -0.52
CA GLN A 201 -42.16 -34.77 -1.02
C GLN A 201 -42.31 -35.61 -2.26
N GLU A 202 -41.31 -35.51 -3.24
N GLU A 202 -41.26 -35.58 -3.07
CA GLU A 202 -41.46 -36.31 -4.43
CA GLU A 202 -41.22 -36.29 -4.37
C GLU A 202 -41.52 -37.80 -4.07
C GLU A 202 -41.33 -37.79 -4.18
N LEU A 203 -40.62 -38.23 -3.16
CA LEU A 203 -40.65 -39.62 -2.71
C LEU A 203 -42.02 -39.93 -2.12
N ALA A 204 -42.49 -39.02 -1.28
CA ALA A 204 -43.72 -39.25 -0.57
C ALA A 204 -44.82 -39.55 -1.57
N GLN A 205 -44.50 -39.24 -2.83
CA GLN A 205 -45.48 -39.29 -3.90
C GLN A 205 -45.44 -40.64 -4.59
N VAL A 206 -44.22 -41.05 -4.89
CA VAL A 206 -43.95 -42.29 -5.63
C VAL A 206 -43.97 -43.42 -4.64
N SER A 207 -44.59 -43.12 -3.53
CA SER A 207 -44.67 -44.09 -2.45
C SER A 207 -46.10 -44.30 -2.07
N GLN A 208 -46.94 -43.50 -2.71
CA GLN A 208 -48.35 -43.61 -2.46
C GLN A 208 -48.44 -44.99 -1.82
N LYS A 209 -48.56 -46.03 -2.64
CA LYS A 209 -48.80 -47.40 -2.15
C LYS A 209 -47.58 -48.24 -1.68
N LEU A 210 -46.45 -47.62 -1.38
CA LEU A 210 -45.48 -48.28 -0.48
C LEU A 210 -46.06 -47.97 0.89
N MET A 211 -46.72 -46.83 0.92
CA MET A 211 -47.18 -46.22 2.17
C MET A 211 -48.07 -47.24 2.83
N GLU A 212 -48.66 -48.04 1.96
CA GLU A 212 -49.11 -49.36 2.34
C GLU A 212 -50.45 -49.35 3.07
N LEU B 3 3.00 -47.35 0.94
CA LEU B 3 2.83 -46.52 2.17
C LEU B 3 3.43 -45.14 1.95
N LEU B 4 2.54 -44.19 1.74
CA LEU B 4 2.87 -42.77 1.70
C LEU B 4 2.28 -42.20 2.92
N ASP B 5 3.07 -41.37 3.60
CA ASP B 5 2.59 -40.67 4.75
C ASP B 5 2.27 -39.25 4.34
N VAL B 6 1.00 -38.90 4.45
CA VAL B 6 0.49 -37.61 3.98
C VAL B 6 -0.32 -36.88 5.02
N THR B 7 -0.60 -35.62 4.67
CA THR B 7 -1.76 -34.88 5.18
C THR B 7 -3.01 -35.47 4.48
N PRO B 8 -3.86 -36.21 5.21
CA PRO B 8 -4.91 -36.96 4.48
C PRO B 8 -6.02 -36.07 3.93
N LEU B 9 -5.80 -34.78 4.08
CA LEU B 9 -6.81 -33.77 3.70
C LEU B 9 -6.11 -32.43 3.46
N SER B 10 -6.82 -31.53 2.79
CA SER B 10 -6.30 -30.20 2.50
C SER B 10 -6.19 -29.31 3.73
N LEU B 11 -5.12 -28.53 3.67
CA LEU B 11 -4.87 -27.49 4.64
C LEU B 11 -4.88 -26.14 3.95
N GLY B 12 -5.46 -25.18 4.64
CA GLY B 12 -5.45 -23.82 4.13
C GLY B 12 -5.79 -22.77 5.14
N ILE B 13 -6.24 -21.64 4.62
CA ILE B 13 -6.75 -20.58 5.45
C ILE B 13 -8.06 -20.06 4.89
N GLU B 14 -8.82 -19.43 5.76
CA GLU B 14 -10.01 -18.72 5.32
C GLU B 14 -9.54 -17.44 4.70
N THR B 15 -10.08 -17.12 3.53
CA THR B 15 -9.92 -15.81 2.96
C THR B 15 -11.27 -15.17 2.83
N MET B 16 -11.19 -13.91 2.47
CA MET B 16 -12.36 -13.05 2.37
C MET B 16 -13.54 -13.81 1.81
N GLY B 17 -14.62 -13.80 2.56
CA GLY B 17 -15.93 -14.25 2.10
C GLY B 17 -16.36 -15.54 2.73
N GLY B 18 -15.37 -16.29 3.17
CA GLY B 18 -15.60 -17.54 3.89
C GLY B 18 -15.26 -18.79 3.13
N VAL B 19 -14.34 -18.64 2.20
CA VAL B 19 -13.85 -19.77 1.37
C VAL B 19 -12.51 -20.29 1.84
N MET B 20 -12.31 -21.59 1.64
CA MET B 20 -11.03 -22.24 2.02
C MET B 20 -10.05 -22.11 0.87
N THR B 21 -8.92 -21.50 1.18
CA THR B 21 -7.78 -21.38 0.26
C THR B 21 -6.57 -22.15 0.81
N THR B 22 -6.17 -23.11 0.01
CA THR B 22 -5.29 -24.20 0.40
C THR B 22 -3.81 -23.92 0.16
N LEU B 23 -3.04 -24.23 1.19
CA LEU B 23 -1.60 -24.07 1.14
C LEU B 23 -0.95 -25.43 0.85
N ILE B 24 -1.56 -26.47 1.40
CA ILE B 24 -1.09 -27.86 1.23
C ILE B 24 -2.21 -28.83 0.93
N ALA B 25 -2.24 -29.21 -0.33
CA ALA B 25 -3.26 -30.13 -0.89
C ALA B 25 -3.27 -31.50 -0.21
N LYS B 26 -4.48 -32.02 -0.09
CA LYS B 26 -4.68 -33.38 0.44
C LYS B 26 -3.56 -34.32 0.04
N ASN B 27 -3.32 -35.24 0.95
CA ASN B 27 -2.30 -36.30 0.81
C ASN B 27 -1.02 -35.82 0.16
N THR B 28 -0.49 -34.74 0.70
CA THR B 28 0.89 -34.37 0.39
C THR B 28 1.83 -35.20 1.28
N THR B 29 2.94 -35.66 0.70
CA THR B 29 3.91 -36.46 1.45
C THR B 29 4.81 -35.54 2.27
N ILE B 30 4.73 -35.73 3.59
CA ILE B 30 5.47 -34.93 4.58
C ILE B 30 6.91 -35.44 4.73
N PRO B 31 7.81 -34.60 5.26
CA PRO B 31 7.45 -33.25 5.68
C PRO B 31 7.46 -32.30 4.51
N THR B 32 6.65 -31.27 4.64
CA THR B 32 6.56 -30.24 3.61
C THR B 32 6.75 -28.84 4.13
N LYS B 33 6.82 -27.93 3.11
N LYS B 33 6.82 -27.95 3.16
CA LYS B 33 6.92 -26.56 3.45
CA LYS B 33 6.85 -26.54 3.40
C LYS B 33 6.10 -25.91 2.37
C LYS B 33 5.99 -25.91 2.35
N HIS B 34 5.30 -24.84 2.71
CA HIS B 34 4.69 -24.01 1.67
C HIS B 34 4.34 -22.59 2.05
N SER B 35 4.67 -21.72 1.11
CA SER B 35 4.55 -20.27 1.31
C SER B 35 3.72 -19.61 0.23
N GLN B 36 2.79 -18.80 0.69
CA GLN B 36 1.94 -18.03 -0.20
C GLN B 36 1.59 -16.69 0.36
N VAL B 37 1.80 -15.69 -0.47
CA VAL B 37 1.51 -14.31 -0.11
C VAL B 37 0.05 -14.09 -0.31
N PHE B 38 -0.54 -13.47 0.70
CA PHE B 38 -1.90 -12.97 0.67
C PHE B 38 -1.85 -11.47 0.88
N SER B 39 -2.98 -10.90 1.22
CA SER B 39 -3.05 -9.44 1.49
C SER B 39 -4.20 -9.07 2.41
N THR B 40 -4.53 -7.80 2.46
CA THR B 40 -5.69 -7.32 3.25
C THR B 40 -6.94 -7.26 2.43
N ALA B 41 -8.04 -7.13 3.15
CA ALA B 41 -9.39 -7.31 2.58
C ALA B 41 -10.10 -6.00 2.38
N GLU B 42 -9.71 -5.01 3.17
CA GLU B 42 -10.29 -3.65 3.05
C GLU B 42 -9.29 -2.51 3.25
N ASP B 43 -9.26 -1.65 2.24
CA ASP B 43 -8.46 -0.44 2.30
C ASP B 43 -8.28 -0.11 3.77
N ASN B 44 -7.04 0.13 4.11
CA ASN B 44 -6.62 0.58 5.46
C ASN B 44 -6.95 -0.42 6.55
N GLN B 45 -6.88 -1.69 6.19
CA GLN B 45 -7.02 -2.81 7.17
C GLN B 45 -5.78 -2.96 8.04
N SER B 46 -6.02 -2.84 9.34
CA SER B 46 -4.94 -2.74 10.34
C SER B 46 -4.47 -4.11 10.81
N ALA B 47 -5.27 -5.12 10.53
CA ALA B 47 -4.94 -6.44 11.05
C ALA B 47 -5.75 -7.52 10.40
N VAL B 48 -5.10 -8.68 10.29
CA VAL B 48 -5.69 -9.87 9.69
C VAL B 48 -5.80 -11.02 10.67
N THR B 49 -6.69 -11.90 10.31
CA THR B 49 -6.82 -13.16 11.00
C THR B 49 -6.34 -14.22 10.07
N ILE B 50 -5.69 -15.21 10.65
N ILE B 50 -5.68 -15.23 10.63
CA ILE B 50 -5.27 -16.40 9.93
CA ILE B 50 -5.29 -16.41 9.85
C ILE B 50 -5.98 -17.62 10.54
C ILE B 50 -5.93 -17.69 10.42
N HIS B 51 -7.20 -17.89 10.06
CA HIS B 51 -7.97 -19.02 10.53
C HIS B 51 -7.54 -20.26 9.77
N VAL B 52 -6.75 -21.08 10.46
CA VAL B 52 -6.26 -22.38 9.94
C VAL B 52 -7.41 -23.38 9.89
N LEU B 53 -7.59 -23.95 8.72
CA LEU B 53 -8.67 -24.94 8.48
C LEU B 53 -8.17 -26.16 7.73
N GLN B 54 -8.73 -27.30 8.13
CA GLN B 54 -8.46 -28.61 7.53
C GLN B 54 -9.69 -29.28 6.94
N GLY B 55 -9.65 -29.52 5.65
CA GLY B 55 -10.78 -30.21 4.98
C GLY B 55 -10.81 -30.09 3.49
N GLU B 56 -11.98 -30.38 2.93
CA GLU B 56 -12.12 -30.58 1.48
C GLU B 56 -13.07 -29.65 0.75
N ARG B 57 -13.86 -28.92 1.52
CA ARG B 57 -14.91 -28.07 0.96
C ARG B 57 -14.54 -26.59 0.88
N LYS B 58 -14.94 -26.00 -0.23
CA LYS B 58 -14.66 -24.59 -0.53
C LYS B 58 -15.43 -23.70 0.42
N ARG B 59 -16.25 -24.35 1.24
CA ARG B 59 -17.11 -23.67 2.22
C ARG B 59 -16.44 -23.73 3.57
N ALA B 60 -15.56 -22.78 3.82
CA ALA B 60 -14.63 -22.91 4.95
C ALA B 60 -15.40 -23.41 6.16
N ALA B 61 -16.59 -22.86 6.30
CA ALA B 61 -17.41 -23.05 7.50
C ALA B 61 -17.77 -24.50 7.65
N ASP B 62 -17.24 -25.29 6.71
CA ASP B 62 -17.56 -26.74 6.62
C ASP B 62 -16.39 -27.66 6.78
N ASN B 63 -15.21 -27.07 6.90
CA ASN B 63 -14.00 -27.82 7.23
C ASN B 63 -13.67 -27.66 8.71
N LYS B 64 -12.61 -28.34 9.12
CA LYS B 64 -12.23 -28.49 10.54
C LYS B 64 -11.26 -27.43 10.97
N SER B 65 -11.66 -26.70 12.00
CA SER B 65 -10.91 -25.53 12.49
C SER B 65 -9.92 -25.98 13.54
N LEU B 66 -8.64 -25.84 13.16
CA LEU B 66 -7.52 -26.39 13.94
C LEU B 66 -7.05 -25.34 14.91
N GLY B 67 -7.23 -24.09 14.48
CA GLY B 67 -6.96 -22.92 15.30
C GLY B 67 -6.99 -21.65 14.49
N GLN B 68 -6.61 -20.56 15.13
CA GLN B 68 -6.40 -19.34 14.38
C GLN B 68 -5.45 -18.42 15.06
N PHE B 69 -5.07 -17.41 14.30
CA PHE B 69 -4.28 -16.33 14.86
C PHE B 69 -4.30 -15.07 14.04
N ASN B 70 -3.96 -14.02 14.75
CA ASN B 70 -4.00 -12.66 14.24
C ASN B 70 -2.62 -12.11 13.93
N LEU B 71 -2.64 -11.07 13.12
CA LEU B 71 -1.46 -10.22 12.86
C LEU B 71 -1.91 -8.79 12.59
N ASP B 72 -1.69 -7.94 13.59
CA ASP B 72 -2.11 -6.52 13.53
C ASP B 72 -0.96 -5.58 13.24
N GLY B 73 -1.19 -4.32 13.55
CA GLY B 73 -0.17 -3.28 13.39
C GLY B 73 0.13 -2.98 11.94
N ILE B 74 -0.77 -3.47 11.11
CA ILE B 74 -0.67 -3.31 9.65
C ILE B 74 -0.82 -1.87 9.15
N ASN B 75 0.26 -1.40 8.52
CA ASN B 75 0.33 0.01 8.08
C ASN B 75 -0.71 0.41 7.03
N PRO B 76 -1.57 1.38 7.36
CA PRO B 76 -2.67 1.79 6.49
C PRO B 76 -2.31 1.79 5.03
N ALA B 77 -2.94 0.88 4.31
CA ALA B 77 -2.66 0.67 2.88
C ALA B 77 -3.86 0.11 2.09
N PRO B 78 -3.96 0.48 0.81
CA PRO B 78 -5.14 0.03 0.09
C PRO B 78 -5.21 -1.49 0.12
N ARG B 79 -6.42 -1.98 -0.05
CA ARG B 79 -6.66 -3.42 -0.11
C ARG B 79 -5.66 -4.11 -1.03
N GLY B 80 -5.30 -5.30 -0.59
CA GLY B 80 -4.48 -6.23 -1.37
C GLY B 80 -3.05 -5.83 -1.68
N MET B 81 -2.66 -4.65 -1.21
CA MET B 81 -1.29 -4.14 -1.45
C MET B 81 -0.25 -4.53 -0.40
N PRO B 82 -0.71 -4.83 0.82
CA PRO B 82 0.24 -5.42 1.74
C PRO B 82 0.51 -6.88 1.35
N GLN B 83 1.54 -7.44 1.96
CA GLN B 83 1.96 -8.80 1.66
C GLN B 83 2.28 -9.63 2.89
N ILE B 84 1.32 -10.45 3.25
CA ILE B 84 1.38 -11.30 4.44
C ILE B 84 1.83 -12.67 4.00
N GLU B 85 3.02 -13.08 4.43
CA GLU B 85 3.61 -14.38 3.99
C GLU B 85 3.14 -15.55 4.83
N VAL B 86 2.20 -16.29 4.26
CA VAL B 86 1.63 -17.46 4.94
C VAL B 86 2.44 -18.73 4.71
N THR B 87 2.98 -19.19 5.83
CA THR B 87 3.82 -20.36 5.89
C THR B 87 3.11 -21.45 6.65
N PHE B 88 2.99 -22.55 5.94
CA PHE B 88 2.47 -23.80 6.44
C PHE B 88 3.57 -24.84 6.33
N ASP B 89 3.95 -25.33 7.48
CA ASP B 89 5.13 -26.17 7.64
C ASP B 89 4.94 -27.28 8.64
N ILE B 90 4.90 -28.51 8.14
CA ILE B 90 4.75 -29.67 9.01
C ILE B 90 5.98 -30.56 8.96
N ASP B 91 6.45 -30.91 10.15
CA ASP B 91 7.57 -31.82 10.27
C ASP B 91 7.03 -33.21 10.20
N ALA B 92 7.82 -34.13 10.70
CA ALA B 92 7.57 -35.57 10.45
C ALA B 92 6.92 -36.19 11.66
N ASP B 93 6.93 -35.40 12.71
CA ASP B 93 6.23 -35.75 13.93
C ASP B 93 4.84 -35.18 13.78
N GLY B 94 4.69 -34.54 12.64
CA GLY B 94 3.37 -34.23 12.09
C GLY B 94 2.79 -33.07 12.82
N ILE B 95 3.69 -32.17 13.13
CA ILE B 95 3.35 -30.92 13.78
C ILE B 95 3.26 -29.80 12.76
N LEU B 96 2.13 -29.14 12.77
CA LEU B 96 1.86 -28.07 11.83
C LEU B 96 2.24 -26.79 12.51
N HIS B 97 3.08 -26.06 11.84
CA HIS B 97 3.52 -24.76 12.30
C HIS B 97 2.97 -23.74 11.32
N VAL B 98 2.26 -22.76 11.86
CA VAL B 98 1.72 -21.71 11.02
C VAL B 98 2.26 -20.37 11.44
N SER B 99 2.81 -19.69 10.45
CA SER B 99 3.38 -18.36 10.61
C SER B 99 3.04 -17.43 9.46
N ALA B 100 2.37 -16.35 9.81
CA ALA B 100 2.06 -15.29 8.84
C ALA B 100 2.85 -14.02 9.18
N LYS B 101 3.36 -13.40 8.13
CA LYS B 101 4.29 -12.26 8.22
C LYS B 101 3.96 -11.10 7.30
N ASP B 102 3.75 -9.93 7.90
CA ASP B 102 3.65 -8.66 7.14
C ASP B 102 5.03 -8.31 6.62
N LYS B 103 5.11 -8.06 5.33
CA LYS B 103 6.39 -8.02 4.63
C LYS B 103 6.98 -6.63 4.71
N ASN B 104 6.13 -5.69 5.10
CA ASN B 104 6.53 -4.30 5.17
C ASN B 104 7.12 -4.00 6.53
N SER B 105 6.82 -4.90 7.45
CA SER B 105 7.09 -4.63 8.86
C SER B 105 7.63 -5.84 9.59
N GLY B 106 7.65 -6.94 8.86
CA GLY B 106 8.22 -8.20 9.35
C GLY B 106 7.53 -8.63 10.62
N LYS B 107 6.41 -7.96 10.91
CA LYS B 107 5.66 -8.21 12.17
C LYS B 107 5.36 -9.70 12.45
N GLU B 108 4.80 -9.95 13.62
CA GLU B 108 5.15 -11.16 14.43
C GLU B 108 4.66 -12.61 14.17
N GLN B 109 3.36 -12.84 14.31
CA GLN B 109 2.77 -14.12 14.86
C GLN B 109 2.95 -15.52 14.25
N LYS B 110 3.01 -16.43 15.20
CA LYS B 110 3.15 -17.89 15.02
C LYS B 110 2.22 -18.70 15.90
N ILE B 111 1.76 -19.82 15.36
CA ILE B 111 1.19 -20.91 16.18
C ILE B 111 1.62 -22.33 15.77
N THR B 112 1.13 -23.31 16.50
CA THR B 112 1.53 -24.72 16.30
C THR B 112 0.41 -25.72 16.64
N ILE B 113 -0.06 -26.38 15.59
CA ILE B 113 -1.17 -27.34 15.68
C ILE B 113 -0.72 -28.74 16.01
N LYS B 114 -1.18 -29.18 17.17
N LYS B 114 -1.18 -29.18 17.17
N LYS B 114 -1.18 -29.18 17.17
CA LYS B 114 -0.95 -30.54 17.64
CA LYS B 114 -0.98 -30.56 17.63
CA LYS B 114 -0.98 -30.55 17.63
C LYS B 114 -1.35 -31.52 16.54
C LYS B 114 -1.36 -31.53 16.54
C LYS B 114 -1.36 -31.53 16.53
N ALA B 115 -0.51 -32.52 16.38
CA ALA B 115 -0.68 -33.54 15.33
C ALA B 115 -1.81 -34.50 15.62
N SER B 116 -2.22 -34.55 16.89
CA SER B 116 -3.35 -35.42 17.26
C SER B 116 -4.57 -34.78 16.65
N SER B 117 -4.29 -33.92 15.68
CA SER B 117 -5.30 -32.92 15.25
C SER B 117 -6.29 -33.24 14.13
N GLY B 118 -6.95 -32.16 13.76
CA GLY B 118 -8.12 -32.16 12.88
C GLY B 118 -9.16 -33.24 13.08
N LEU B 119 -9.78 -33.55 11.95
CA LEU B 119 -10.82 -34.57 11.85
C LEU B 119 -10.16 -35.93 11.76
N ASN B 120 -10.85 -36.95 12.26
CA ASN B 120 -10.25 -38.28 12.33
C ASN B 120 -10.65 -39.19 11.20
N GLU B 121 -10.26 -40.42 11.38
CA GLU B 121 -10.41 -41.46 10.36
C GLU B 121 -11.73 -41.29 9.62
N ASP B 122 -12.76 -41.76 10.29
CA ASP B 122 -14.08 -41.85 9.71
C ASP B 122 -14.56 -40.50 9.19
N GLU B 123 -14.11 -39.45 9.88
CA GLU B 123 -14.50 -38.06 9.53
C GLU B 123 -13.68 -37.58 8.34
N ILE B 124 -12.51 -38.17 8.24
CA ILE B 124 -11.55 -37.85 7.18
C ILE B 124 -12.18 -38.40 5.92
N GLN B 125 -12.63 -39.61 6.12
CA GLN B 125 -13.23 -40.43 5.07
C GLN B 125 -14.48 -39.74 4.62
N LYS B 126 -15.21 -39.31 5.64
N LYS B 126 -15.21 -39.33 5.64
CA LYS B 126 -16.49 -38.64 5.44
CA LYS B 126 -16.49 -38.64 5.49
C LYS B 126 -16.26 -37.35 4.70
C LYS B 126 -16.26 -37.36 4.72
N MET B 127 -15.48 -36.51 5.36
CA MET B 127 -15.13 -35.20 4.82
C MET B 127 -14.90 -35.37 3.33
N VAL B 128 -14.01 -36.31 3.02
CA VAL B 128 -13.69 -36.61 1.62
C VAL B 128 -14.98 -36.67 0.80
N ARG B 129 -15.66 -37.79 0.90
CA ARG B 129 -16.86 -38.07 0.11
C ARG B 129 -17.70 -36.80 -0.15
N ASP B 130 -18.04 -36.13 0.94
CA ASP B 130 -19.16 -35.17 0.96
C ASP B 130 -18.82 -33.95 0.13
N ALA B 131 -17.54 -33.72 -0.02
CA ALA B 131 -17.07 -32.65 -0.90
C ALA B 131 -17.15 -33.20 -2.29
N GLU B 132 -16.74 -34.45 -2.37
CA GLU B 132 -16.75 -35.18 -3.64
C GLU B 132 -18.07 -34.91 -4.32
N ALA B 133 -19.11 -35.11 -3.54
CA ALA B 133 -20.49 -35.10 -4.05
C ALA B 133 -20.95 -33.70 -4.32
N ASN B 134 -20.23 -32.77 -3.72
CA ASN B 134 -20.69 -31.39 -3.59
C ASN B 134 -19.90 -30.42 -4.43
N ALA B 135 -19.15 -30.97 -5.36
CA ALA B 135 -18.22 -30.16 -6.15
C ALA B 135 -18.96 -28.98 -6.76
N GLU B 136 -19.96 -29.33 -7.54
CA GLU B 136 -20.70 -28.35 -8.33
C GLU B 136 -21.12 -27.18 -7.46
N ALA B 137 -21.77 -27.54 -6.37
CA ALA B 137 -22.28 -26.52 -5.43
C ALA B 137 -21.13 -25.64 -4.95
N ASP B 138 -19.95 -26.25 -4.81
CA ASP B 138 -18.76 -25.53 -4.34
C ASP B 138 -18.30 -24.53 -5.39
N ARG B 139 -18.36 -24.95 -6.63
CA ARG B 139 -17.96 -24.08 -7.74
C ARG B 139 -18.81 -22.83 -7.70
N LYS B 140 -20.06 -23.04 -7.32
CA LYS B 140 -21.11 -22.02 -7.36
C LYS B 140 -20.93 -20.99 -6.27
N PHE B 141 -20.43 -21.48 -5.16
CA PHE B 141 -20.10 -20.61 -4.03
C PHE B 141 -19.01 -19.67 -4.51
N GLU B 142 -18.00 -20.29 -5.09
CA GLU B 142 -16.77 -19.59 -5.48
C GLU B 142 -17.14 -18.50 -6.44
N GLU B 143 -17.74 -18.98 -7.51
CA GLU B 143 -18.26 -18.12 -8.58
C GLU B 143 -18.87 -16.92 -7.92
N LEU B 144 -19.71 -17.26 -6.97
CA LEU B 144 -20.53 -16.29 -6.23
C LEU B 144 -19.70 -15.44 -5.29
N VAL B 145 -18.72 -16.08 -4.69
CA VAL B 145 -17.83 -15.34 -3.79
C VAL B 145 -17.14 -14.24 -4.57
N GLN B 146 -16.83 -14.54 -5.82
CA GLN B 146 -15.99 -13.63 -6.61
C GLN B 146 -16.69 -12.32 -6.85
N THR B 147 -18.01 -12.38 -6.71
CA THR B 147 -18.87 -11.21 -6.96
C THR B 147 -19.24 -10.59 -5.65
N ARG B 148 -19.45 -11.47 -4.69
CA ARG B 148 -19.89 -11.11 -3.34
C ARG B 148 -18.83 -10.21 -2.73
N ASN B 149 -17.60 -10.49 -3.12
CA ASN B 149 -16.45 -9.72 -2.63
C ASN B 149 -16.36 -8.43 -3.41
N GLN B 150 -16.49 -8.57 -4.72
CA GLN B 150 -16.39 -7.43 -5.65
C GLN B 150 -17.43 -6.41 -5.24
N GLY B 151 -18.52 -6.93 -4.70
CA GLY B 151 -19.64 -6.07 -4.28
C GLY B 151 -19.29 -5.37 -2.99
N ASP B 152 -18.83 -6.21 -2.06
CA ASP B 152 -18.27 -5.82 -0.77
C ASP B 152 -17.38 -4.61 -1.02
N HIS B 153 -16.49 -4.82 -1.99
CA HIS B 153 -15.50 -3.78 -2.33
C HIS B 153 -16.19 -2.48 -2.76
N LEU B 154 -17.14 -2.62 -3.68
CA LEU B 154 -17.81 -1.45 -4.25
C LEU B 154 -18.49 -0.69 -3.14
N LEU B 155 -18.87 -1.47 -2.15
CA LEU B 155 -19.69 -0.96 -1.04
C LEU B 155 -18.86 0.03 -0.24
N HIS B 156 -17.72 -0.45 0.22
CA HIS B 156 -16.90 0.27 1.19
C HIS B 156 -16.42 1.58 0.63
N SER B 157 -15.78 1.43 -0.52
N SER B 157 -15.78 1.45 -0.53
CA SER B 157 -15.18 2.54 -1.27
CA SER B 157 -15.16 2.58 -1.22
C SER B 157 -16.16 3.66 -1.46
C SER B 157 -16.17 3.68 -1.48
N THR B 158 -17.38 3.24 -1.77
CA THR B 158 -18.51 4.16 -2.02
C THR B 158 -18.77 5.10 -0.85
N ARG B 159 -19.19 4.53 0.27
CA ARG B 159 -19.32 5.31 1.52
C ARG B 159 -18.05 6.09 1.80
N LYS B 160 -16.96 5.58 1.24
CA LYS B 160 -15.68 6.29 1.31
C LYS B 160 -15.81 7.45 0.36
N GLN B 161 -16.54 7.15 -0.70
CA GLN B 161 -16.70 8.02 -1.88
C GLN B 161 -17.53 9.20 -1.44
N VAL B 162 -18.40 8.90 -0.49
CA VAL B 162 -19.36 9.86 0.05
C VAL B 162 -18.68 10.73 1.08
N GLU B 163 -17.93 10.03 1.91
CA GLU B 163 -17.42 10.56 3.19
C GLU B 163 -16.28 11.53 2.93
N GLU B 164 -15.73 11.43 1.72
CA GLU B 164 -14.56 12.23 1.32
C GLU B 164 -14.99 13.40 0.46
N ALA B 165 -16.30 13.50 0.32
CA ALA B 165 -16.91 14.56 -0.51
C ALA B 165 -17.17 15.73 0.39
N GLY B 166 -17.65 15.40 1.58
CA GLY B 166 -17.94 16.35 2.63
C GLY B 166 -19.34 16.90 2.61
N ASP B 167 -19.44 18.12 3.11
CA ASP B 167 -20.69 18.86 3.12
C ASP B 167 -20.75 19.38 1.70
N LYS B 168 -20.09 18.62 0.85
CA LYS B 168 -20.04 18.90 -0.59
C LYS B 168 -20.78 17.81 -1.31
N LEU B 169 -21.64 17.17 -0.54
CA LEU B 169 -22.49 16.07 -1.02
C LEU B 169 -23.98 16.41 -0.80
N PRO B 170 -24.67 16.92 -1.85
CA PRO B 170 -26.08 17.36 -1.78
C PRO B 170 -27.07 16.29 -1.32
N ALA B 171 -27.73 16.65 -0.23
CA ALA B 171 -28.52 15.71 0.59
C ALA B 171 -29.61 15.05 -0.21
N ASP B 172 -29.52 15.24 -1.51
CA ASP B 172 -30.51 14.66 -2.44
C ASP B 172 -29.91 13.44 -3.09
N ASP B 173 -28.59 13.45 -3.14
CA ASP B 173 -27.81 12.38 -3.77
C ASP B 173 -27.21 11.44 -2.73
N LYS B 174 -26.98 11.98 -1.55
CA LYS B 174 -26.62 11.14 -0.41
C LYS B 174 -27.78 10.19 -0.36
N THR B 175 -28.90 10.77 0.02
CA THR B 175 -30.17 10.05 0.06
C THR B 175 -30.12 8.86 -0.84
N ALA B 176 -30.01 9.23 -2.11
CA ALA B 176 -30.11 8.30 -3.24
C ALA B 176 -29.24 7.09 -3.03
N ILE B 177 -27.97 7.42 -2.91
CA ILE B 177 -26.88 6.43 -2.89
C ILE B 177 -27.07 5.59 -1.66
N GLU B 178 -27.57 6.26 -0.64
CA GLU B 178 -27.77 5.64 0.69
C GLU B 178 -28.61 4.38 0.58
N SER B 179 -29.74 4.55 -0.06
CA SER B 179 -30.69 3.46 -0.31
C SER B 179 -30.04 2.35 -1.12
N ALA B 180 -29.13 2.76 -1.99
CA ALA B 180 -28.54 1.88 -3.01
C ALA B 180 -27.53 0.91 -2.43
N LEU B 181 -26.76 1.38 -1.47
CA LEU B 181 -25.79 0.51 -0.79
C LEU B 181 -26.65 -0.42 0.03
N THR B 182 -27.62 0.20 0.70
CA THR B 182 -28.47 -0.54 1.63
C THR B 182 -28.90 -1.79 0.89
N ALA B 183 -29.06 -1.60 -0.40
CA ALA B 183 -29.56 -2.64 -1.29
C ALA B 183 -28.50 -3.69 -1.46
N LEU B 184 -27.45 -3.21 -2.11
CA LEU B 184 -26.25 -4.00 -2.46
C LEU B 184 -25.91 -4.91 -1.30
N GLU B 185 -26.25 -4.45 -0.11
CA GLU B 185 -25.88 -5.10 1.14
C GLU B 185 -26.75 -6.31 1.41
N THR B 186 -28.03 -6.09 1.27
CA THR B 186 -29.04 -7.15 1.41
C THR B 186 -28.83 -8.23 0.36
N ALA B 187 -28.20 -7.82 -0.73
CA ALA B 187 -28.01 -8.68 -1.89
C ALA B 187 -26.87 -9.63 -1.65
N LEU B 188 -25.78 -9.01 -1.21
CA LEU B 188 -24.54 -9.73 -0.96
C LEU B 188 -24.83 -10.81 0.07
N LYS B 189 -26.00 -10.69 0.67
CA LYS B 189 -26.36 -11.47 1.88
C LYS B 189 -27.11 -12.73 1.51
N GLY B 190 -27.64 -12.71 0.30
CA GLY B 190 -28.22 -13.92 -0.29
C GLY B 190 -27.09 -14.71 -0.88
N GLU B 191 -27.40 -15.49 -1.90
CA GLU B 191 -26.34 -16.25 -2.65
C GLU B 191 -26.67 -16.19 -4.14
N ASP B 192 -27.61 -15.30 -4.41
CA ASP B 192 -28.06 -14.91 -5.77
C ASP B 192 -27.15 -13.89 -6.43
N LYS B 193 -26.01 -14.39 -6.86
CA LYS B 193 -25.06 -13.61 -7.65
C LYS B 193 -25.75 -12.43 -8.31
N ALA B 194 -26.72 -12.78 -9.15
CA ALA B 194 -27.25 -11.85 -10.16
C ALA B 194 -27.84 -10.63 -9.50
N ALA B 195 -28.36 -10.84 -8.31
CA ALA B 195 -29.13 -9.80 -7.59
C ALA B 195 -28.19 -8.77 -7.05
N ILE B 196 -26.94 -9.22 -6.92
CA ILE B 196 -25.91 -8.42 -6.27
C ILE B 196 -25.29 -7.52 -7.29
N GLU B 197 -25.18 -8.05 -8.49
CA GLU B 197 -24.49 -7.35 -9.59
C GLU B 197 -25.22 -6.07 -9.95
N ALA B 198 -26.53 -6.12 -9.77
CA ALA B 198 -27.44 -5.06 -10.22
C ALA B 198 -27.57 -4.00 -9.17
N LYS B 199 -27.58 -4.47 -7.92
CA LYS B 199 -27.65 -3.55 -6.78
C LYS B 199 -26.41 -2.70 -6.90
N MET B 200 -25.46 -3.24 -7.64
CA MET B 200 -24.19 -2.53 -7.94
C MET B 200 -24.37 -1.67 -9.17
N GLN B 201 -25.17 -2.20 -10.08
CA GLN B 201 -25.64 -1.47 -11.26
C GLN B 201 -26.59 -0.39 -10.79
N GLU B 202 -27.11 -0.58 -9.60
CA GLU B 202 -28.08 0.35 -9.05
C GLU B 202 -27.32 1.49 -8.45
N LEU B 203 -26.39 1.09 -7.62
CA LEU B 203 -25.52 2.03 -6.93
C LEU B 203 -24.79 2.90 -7.93
N ALA B 204 -24.17 2.20 -8.86
CA ALA B 204 -23.34 2.86 -9.87
C ALA B 204 -24.12 4.06 -10.32
N GLN B 205 -25.26 3.72 -10.90
CA GLN B 205 -26.17 4.71 -11.47
C GLN B 205 -26.10 5.99 -10.68
N VAL B 206 -26.58 5.84 -9.46
CA VAL B 206 -26.83 6.98 -8.56
C VAL B 206 -25.54 7.66 -8.11
N SER B 207 -24.44 6.98 -8.38
CA SER B 207 -23.11 7.40 -7.85
C SER B 207 -22.48 8.47 -8.71
N GLN B 208 -23.08 8.72 -9.85
CA GLN B 208 -22.43 9.55 -10.89
C GLN B 208 -22.18 10.97 -10.41
N LYS B 209 -22.73 11.24 -9.24
CA LYS B 209 -22.61 12.55 -8.60
C LYS B 209 -21.48 12.47 -7.61
N LEU B 210 -20.75 11.38 -7.71
CA LEU B 210 -19.81 10.99 -6.68
C LEU B 210 -18.38 10.89 -7.20
N MET B 211 -18.14 9.82 -7.95
CA MET B 211 -16.90 9.63 -8.70
C MET B 211 -16.34 11.00 -8.97
N GLU B 212 -17.23 11.75 -9.58
CA GLU B 212 -17.12 13.20 -9.85
C GLU B 212 -16.13 13.97 -9.01
N ILE B 213 -16.71 14.58 -7.99
CA ILE B 213 -16.00 15.49 -7.07
C ILE B 213 -14.52 15.32 -7.24
N ALA B 214 -14.12 14.09 -6.98
CA ALA B 214 -12.71 13.68 -7.07
C ALA B 214 -12.45 12.83 -8.30
N VAL C 1 -5.11 52.85 1.64
CA VAL C 1 -5.27 51.83 0.56
C VAL C 1 -5.06 50.45 1.14
N LEU C 2 -5.96 49.58 0.73
CA LEU C 2 -5.94 48.19 1.18
C LEU C 2 -5.22 47.42 0.12
N LEU C 3 -5.17 48.08 -1.03
CA LEU C 3 -4.67 47.48 -2.26
C LEU C 3 -3.66 48.35 -2.96
N LEU C 4 -2.97 47.71 -3.88
CA LEU C 4 -1.93 48.32 -4.73
C LEU C 4 -1.35 47.33 -5.70
N ASP C 5 -0.89 47.90 -6.81
CA ASP C 5 -0.29 47.14 -7.93
C ASP C 5 1.21 47.10 -7.85
N VAL C 6 1.72 45.89 -7.78
CA VAL C 6 3.16 45.67 -7.71
C VAL C 6 3.58 44.68 -8.74
N THR C 7 4.79 44.85 -9.22
CA THR C 7 5.41 43.81 -9.99
C THR C 7 5.66 42.64 -9.03
N PRO C 8 5.03 41.46 -9.32
CA PRO C 8 4.86 40.33 -8.41
C PRO C 8 6.12 39.60 -7.99
N LEU C 9 7.19 39.82 -8.74
CA LEU C 9 8.44 39.06 -8.62
C LEU C 9 9.68 39.91 -8.88
N SER C 10 10.78 39.46 -8.33
CA SER C 10 12.07 39.97 -8.80
C SER C 10 12.07 40.01 -10.34
N LEU C 11 12.72 41.05 -10.82
CA LEU C 11 13.01 41.23 -12.23
C LEU C 11 14.43 41.79 -12.36
N GLY C 12 15.19 41.19 -13.24
CA GLY C 12 16.53 41.68 -13.57
C GLY C 12 17.13 41.14 -14.84
N ILE C 13 18.44 41.21 -14.86
CA ILE C 13 19.18 40.63 -15.96
C ILE C 13 20.14 39.58 -15.48
N GLU C 14 20.54 38.81 -16.46
CA GLU C 14 21.55 37.77 -16.27
C GLU C 14 22.91 38.34 -16.44
N THR C 15 23.82 37.82 -15.63
CA THR C 15 25.22 38.22 -15.68
C THR C 15 26.13 37.05 -15.72
N MET C 16 27.39 37.41 -15.81
CA MET C 16 28.46 36.44 -16.11
C MET C 16 28.33 35.29 -15.16
N GLY C 17 28.41 34.09 -15.71
CA GLY C 17 28.42 32.87 -14.92
C GLY C 17 27.05 32.27 -14.81
N GLY C 18 26.05 33.12 -15.05
CA GLY C 18 24.66 32.66 -15.23
C GLY C 18 23.75 32.88 -14.03
N VAL C 19 24.13 33.90 -13.28
CA VAL C 19 23.37 34.37 -12.15
C VAL C 19 22.37 35.35 -12.66
N MET C 20 21.32 35.52 -11.85
CA MET C 20 20.37 36.60 -12.05
C MET C 20 20.74 37.74 -11.09
N THR C 21 20.84 38.93 -11.66
CA THR C 21 21.27 40.16 -10.99
C THR C 21 20.16 41.19 -11.11
N THR C 22 19.38 41.39 -10.06
CA THR C 22 18.12 42.08 -10.27
C THR C 22 18.14 43.58 -10.10
N LEU C 23 17.16 44.16 -10.76
N LEU C 23 17.14 44.15 -10.73
CA LEU C 23 17.10 45.60 -11.01
CA LEU C 23 17.10 45.58 -11.02
C LEU C 23 15.94 46.26 -10.30
C LEU C 23 15.93 46.25 -10.32
N ILE C 24 14.98 45.40 -9.98
CA ILE C 24 13.67 45.79 -9.42
C ILE C 24 13.12 44.65 -8.57
N ALA C 25 13.04 44.90 -7.27
CA ALA C 25 12.71 43.87 -6.30
C ALA C 25 11.24 43.48 -6.35
N LYS C 26 10.95 42.26 -5.92
CA LYS C 26 9.57 41.73 -5.95
C LYS C 26 8.69 42.49 -4.98
N ASN C 27 7.54 42.87 -5.49
CA ASN C 27 6.51 43.45 -4.67
C ASN C 27 6.75 44.95 -4.58
N THR C 28 7.75 45.37 -5.34
CA THR C 28 8.00 46.79 -5.56
C THR C 28 6.76 47.34 -6.21
N THR C 29 6.40 48.55 -5.84
CA THR C 29 5.20 49.15 -6.42
C THR C 29 5.53 49.71 -7.78
N ILE C 30 4.53 49.68 -8.64
CA ILE C 30 4.68 50.16 -10.01
C ILE C 30 3.57 51.13 -10.35
N PRO C 31 3.85 52.09 -11.24
CA PRO C 31 5.10 52.27 -11.98
C PRO C 31 6.32 52.47 -11.10
N THR C 32 7.37 51.74 -11.49
CA THR C 32 8.71 51.87 -10.89
C THR C 32 9.82 51.76 -11.94
N LYS C 33 10.75 52.68 -11.83
CA LYS C 33 11.83 52.81 -12.78
C LYS C 33 13.18 52.66 -12.08
N HIS C 34 14.04 51.84 -12.69
CA HIS C 34 15.33 51.49 -12.11
C HIS C 34 16.42 51.39 -13.15
N SER C 35 17.61 51.75 -12.71
CA SER C 35 18.83 51.75 -13.55
C SER C 35 20.04 51.14 -12.81
N GLN C 36 20.89 50.49 -13.57
CA GLN C 36 22.06 49.79 -13.02
C GLN C 36 23.11 49.61 -14.11
N VAL C 37 24.31 50.11 -13.83
N VAL C 37 24.31 50.10 -13.82
CA VAL C 37 25.41 50.03 -14.78
CA VAL C 37 25.44 50.05 -14.75
C VAL C 37 26.16 48.71 -14.75
C VAL C 37 26.17 48.71 -14.74
N PHE C 38 26.11 48.07 -15.91
CA PHE C 38 26.91 46.86 -16.20
C PHE C 38 28.13 47.15 -17.07
N SER C 39 29.07 46.24 -17.03
CA SER C 39 30.23 46.32 -17.94
C SER C 39 30.38 44.97 -18.64
N THR C 40 31.58 44.75 -19.15
CA THR C 40 31.87 43.61 -20.05
C THR C 40 32.72 42.51 -19.41
N ALA C 41 32.32 41.27 -19.65
CA ALA C 41 32.88 40.10 -18.94
C ALA C 41 34.28 39.71 -19.38
N GLU C 42 34.51 39.88 -20.67
CA GLU C 42 35.84 39.61 -21.22
C GLU C 42 36.35 40.83 -21.94
N ASP C 43 37.68 40.88 -22.08
CA ASP C 43 38.34 42.00 -22.74
C ASP C 43 37.91 42.00 -24.19
N ASN C 44 37.97 43.18 -24.79
CA ASN C 44 37.72 43.37 -26.23
C ASN C 44 36.39 42.78 -26.62
N GLN C 45 35.46 42.87 -25.68
CA GLN C 45 34.06 42.46 -25.88
C GLN C 45 33.36 43.58 -26.63
N SER C 46 32.76 43.22 -27.76
CA SER C 46 32.21 44.21 -28.70
C SER C 46 30.70 44.30 -28.58
N ALA C 47 30.15 43.20 -28.11
CA ALA C 47 28.70 43.08 -27.94
C ALA C 47 28.31 42.29 -26.73
N VAL C 48 27.15 42.66 -26.25
CA VAL C 48 26.57 42.10 -25.05
C VAL C 48 25.14 41.66 -25.28
N THR C 49 24.68 40.87 -24.34
CA THR C 49 23.39 40.20 -24.44
C THR C 49 22.55 40.48 -23.20
N ILE C 50 21.55 41.34 -23.36
N ILE C 50 21.54 41.32 -23.38
CA ILE C 50 20.67 41.70 -22.24
CA ILE C 50 20.64 41.69 -22.28
C ILE C 50 19.39 40.87 -22.25
C ILE C 50 19.39 40.84 -22.28
N HIS C 51 19.32 40.05 -21.22
CA HIS C 51 18.27 39.09 -21.04
C HIS C 51 17.49 39.48 -19.82
N VAL C 52 16.19 39.64 -20.06
CA VAL C 52 15.22 39.98 -19.02
C VAL C 52 14.68 38.71 -18.39
N LEU C 53 14.75 38.67 -17.07
CA LEU C 53 14.33 37.49 -16.28
C LEU C 53 13.37 37.81 -15.17
N GLN C 54 12.38 36.93 -15.06
CA GLN C 54 11.38 36.98 -13.99
C GLN C 54 11.50 35.77 -13.07
N GLY C 55 11.56 36.06 -11.77
CA GLY C 55 11.74 35.05 -10.69
C GLY C 55 12.76 35.43 -9.61
N GLU C 56 12.88 34.57 -8.60
CA GLU C 56 13.68 34.91 -7.40
C GLU C 56 14.97 34.14 -7.26
N ARG C 57 15.05 33.02 -7.96
N ARG C 57 15.02 33.03 -7.97
CA ARG C 57 16.17 32.08 -7.80
CA ARG C 57 16.07 32.03 -7.80
C ARG C 57 17.49 32.55 -8.44
C ARG C 57 17.37 32.40 -8.53
N LYS C 58 18.58 32.31 -7.73
N LYS C 58 18.48 32.26 -7.81
CA LYS C 58 19.93 32.80 -8.08
CA LYS C 58 19.81 32.71 -8.26
C LYS C 58 20.39 32.46 -9.50
C LYS C 58 20.16 32.37 -9.70
N ARG C 59 19.98 31.30 -9.99
N ARG C 59 20.11 31.08 -10.04
CA ARG C 59 20.43 30.84 -11.29
CA ARG C 59 20.52 30.65 -11.37
C ARG C 59 19.49 31.28 -12.38
C ARG C 59 19.54 31.18 -12.43
N ALA C 60 20.09 31.96 -13.35
CA ALA C 60 19.32 32.64 -14.38
C ALA C 60 18.30 31.66 -14.94
N ALA C 61 18.86 30.52 -15.26
CA ALA C 61 18.14 29.48 -16.00
C ALA C 61 16.88 29.07 -15.28
N ASP C 62 16.78 29.46 -14.02
CA ASP C 62 15.68 29.04 -13.13
C ASP C 62 14.55 30.07 -13.10
N ASN C 63 14.89 31.25 -13.58
CA ASN C 63 13.94 32.36 -13.63
C ASN C 63 13.26 32.42 -15.00
N LYS C 64 12.05 32.97 -14.98
CA LYS C 64 11.26 33.15 -16.22
C LYS C 64 11.85 34.24 -17.09
N SER C 65 12.05 33.87 -18.34
CA SER C 65 12.52 34.78 -19.38
C SER C 65 11.35 35.59 -19.89
N LEU C 66 11.62 36.87 -20.08
CA LEU C 66 10.61 37.76 -20.67
C LEU C 66 11.03 38.26 -22.03
N GLY C 67 12.29 38.02 -22.36
CA GLY C 67 12.86 38.62 -23.55
C GLY C 67 14.34 38.90 -23.48
N GLN C 68 14.88 39.10 -24.67
CA GLN C 68 16.30 39.42 -24.82
C GLN C 68 16.61 40.17 -26.10
N PHE C 69 17.80 40.73 -26.09
CA PHE C 69 18.25 41.62 -27.15
C PHE C 69 19.70 41.95 -26.97
N ASN C 70 20.24 42.44 -28.06
CA ASN C 70 21.66 42.68 -28.13
C ASN C 70 21.98 44.15 -28.07
N LEU C 71 23.14 44.40 -27.54
CA LEU C 71 23.73 45.71 -27.70
C LEU C 71 25.08 45.50 -28.31
N ASP C 72 25.18 46.01 -29.54
CA ASP C 72 26.36 45.84 -30.37
C ASP C 72 27.15 47.12 -30.41
N GLY C 73 28.17 47.08 -31.25
CA GLY C 73 29.03 48.23 -31.57
C GLY C 73 30.03 48.70 -30.53
N ILE C 74 29.94 48.13 -29.34
CA ILE C 74 30.84 48.55 -28.25
C ILE C 74 32.30 48.45 -28.68
N ASN C 75 33.06 49.47 -28.31
CA ASN C 75 34.49 49.46 -28.63
C ASN C 75 35.10 48.22 -27.99
N PRO C 76 35.92 47.46 -28.73
CA PRO C 76 36.75 46.50 -28.03
C PRO C 76 37.60 47.19 -27.01
N ALA C 77 37.58 46.63 -25.80
CA ALA C 77 38.17 47.27 -24.62
C ALA C 77 38.23 46.35 -23.40
N PRO C 78 39.16 46.63 -22.49
CA PRO C 78 39.34 45.82 -21.30
C PRO C 78 38.06 45.64 -20.52
N ARG C 79 37.85 44.40 -20.13
CA ARG C 79 36.71 44.09 -19.29
C ARG C 79 36.59 45.11 -18.17
N GLY C 80 35.35 45.52 -17.96
CA GLY C 80 35.00 46.37 -16.84
C GLY C 80 35.07 47.82 -17.21
N MET C 81 35.71 48.07 -18.35
CA MET C 81 35.93 49.46 -18.82
C MET C 81 34.65 50.09 -19.39
N PRO C 82 34.02 49.40 -20.35
CA PRO C 82 32.74 49.92 -20.88
C PRO C 82 31.61 50.01 -19.86
N GLN C 83 31.04 51.22 -19.78
CA GLN C 83 29.88 51.52 -18.92
C GLN C 83 28.57 51.40 -19.67
N ILE C 84 27.90 50.31 -19.32
CA ILE C 84 26.67 49.87 -19.94
C ILE C 84 25.52 50.03 -18.98
N GLU C 85 24.81 51.14 -19.17
CA GLU C 85 23.65 51.47 -18.36
C GLU C 85 22.43 50.65 -18.76
N VAL C 86 22.01 49.80 -17.84
CA VAL C 86 20.75 49.04 -18.03
C VAL C 86 19.64 49.67 -17.19
N THR C 87 18.52 49.92 -17.85
CA THR C 87 17.33 50.53 -17.19
C THR C 87 16.01 49.77 -17.36
N PHE C 88 15.36 49.51 -16.23
CA PHE C 88 13.99 48.94 -16.23
C PHE C 88 12.99 50.02 -15.86
N ASP C 89 11.99 50.09 -16.70
CA ASP C 89 10.83 50.91 -16.43
C ASP C 89 9.61 50.02 -16.51
N ILE C 90 8.82 50.03 -15.45
CA ILE C 90 7.45 49.49 -15.56
C ILE C 90 6.51 50.66 -15.37
N ASP C 91 5.77 50.99 -16.42
CA ASP C 91 4.77 52.06 -16.32
C ASP C 91 3.52 51.54 -15.68
N ALA C 92 2.51 52.39 -15.80
CA ALA C 92 1.23 52.24 -15.11
C ALA C 92 0.55 50.95 -15.47
N ASP C 93 0.52 50.75 -16.77
CA ASP C 93 -0.19 49.61 -17.41
C ASP C 93 0.55 48.31 -17.22
N GLY C 94 1.69 48.42 -16.56
CA GLY C 94 2.50 47.25 -16.22
C GLY C 94 3.34 46.84 -17.40
N ILE C 95 3.34 47.71 -18.39
CA ILE C 95 4.19 47.53 -19.58
C ILE C 95 5.63 47.76 -19.17
N LEU C 96 6.47 46.82 -19.57
CA LEU C 96 7.88 46.71 -19.11
C LEU C 96 8.85 47.00 -20.20
N HIS C 97 9.63 48.04 -19.98
CA HIS C 97 10.58 48.51 -20.99
C HIS C 97 11.97 48.46 -20.46
N VAL C 98 12.77 47.60 -21.08
CA VAL C 98 14.22 47.51 -20.77
C VAL C 98 15.04 48.12 -21.89
N SER C 99 16.18 48.64 -21.50
CA SER C 99 17.03 49.38 -22.40
C SER C 99 18.47 49.38 -21.90
N ALA C 100 19.38 49.06 -22.79
CA ALA C 100 20.81 49.05 -22.50
C ALA C 100 21.57 50.02 -23.38
N LYS C 101 22.37 50.86 -22.73
CA LYS C 101 23.17 51.90 -23.42
C LYS C 101 24.64 51.90 -23.07
N ASP C 102 25.40 51.88 -24.16
CA ASP C 102 26.85 52.06 -24.18
C ASP C 102 27.21 53.54 -24.08
N LYS C 103 27.66 53.91 -22.90
CA LYS C 103 28.05 55.29 -22.65
C LYS C 103 29.07 55.81 -23.66
N ASN C 104 29.75 54.91 -24.34
CA ASN C 104 30.88 55.34 -25.17
C ASN C 104 30.48 55.69 -26.53
N SER C 105 29.94 54.67 -27.15
N SER C 105 29.95 54.66 -27.16
CA SER C 105 29.49 54.69 -28.53
CA SER C 105 29.49 54.69 -28.54
C SER C 105 28.17 55.41 -28.54
C SER C 105 28.15 55.38 -28.55
N GLY C 106 27.54 55.35 -27.38
CA GLY C 106 26.18 55.90 -27.23
C GLY C 106 25.19 55.04 -27.98
N LYS C 107 25.68 53.91 -28.45
CA LYS C 107 24.80 52.90 -29.07
C LYS C 107 23.81 52.43 -28.02
N GLU C 108 22.55 52.32 -28.42
CA GLU C 108 21.51 51.89 -27.49
C GLU C 108 20.44 51.04 -28.17
N GLN C 109 19.89 50.15 -27.36
CA GLN C 109 18.79 49.28 -27.79
C GLN C 109 17.80 49.13 -26.66
N LYS C 110 16.61 48.74 -27.04
CA LYS C 110 15.49 48.63 -26.09
C LYS C 110 14.57 47.52 -26.49
N ILE C 111 14.01 46.90 -25.46
CA ILE C 111 12.96 45.89 -25.62
C ILE C 111 11.72 46.33 -24.87
N THR C 112 10.58 46.10 -25.51
CA THR C 112 9.25 46.38 -24.94
C THR C 112 8.50 45.10 -24.75
N ILE C 113 8.28 44.79 -23.48
CA ILE C 113 7.65 43.54 -22.99
C ILE C 113 6.27 43.75 -22.42
N LYS C 114 5.41 42.79 -22.74
CA LYS C 114 3.95 42.84 -22.43
C LYS C 114 3.56 42.47 -21.00
N ALA C 115 2.55 43.20 -20.54
CA ALA C 115 2.06 43.15 -19.15
C ALA C 115 1.67 41.75 -18.71
N SER C 116 1.35 40.96 -19.70
CA SER C 116 0.63 39.71 -19.48
C SER C 116 1.63 38.58 -19.38
N SER C 117 2.85 38.88 -19.78
CA SER C 117 3.93 37.91 -19.75
C SER C 117 4.45 37.74 -18.34
N GLY C 118 5.37 36.81 -18.20
CA GLY C 118 5.98 36.44 -16.90
C GLY C 118 5.40 35.19 -16.29
N LEU C 119 5.28 35.26 -14.96
CA LEU C 119 4.67 34.17 -14.15
C LEU C 119 3.28 34.49 -13.68
N ASN C 120 2.48 33.44 -13.65
CA ASN C 120 1.12 33.50 -13.11
C ASN C 120 1.03 33.07 -11.69
N GLU C 121 -0.14 33.22 -11.15
CA GLU C 121 -0.23 33.19 -9.72
C GLU C 121 0.35 31.90 -9.21
N ASP C 122 -0.08 30.79 -9.81
CA ASP C 122 0.34 29.46 -9.34
C ASP C 122 1.82 29.37 -9.41
N GLU C 123 2.32 30.03 -10.44
CA GLU C 123 3.73 29.92 -10.85
C GLU C 123 4.51 30.77 -9.91
N ILE C 124 3.83 31.78 -9.41
CA ILE C 124 4.50 32.80 -8.65
C ILE C 124 4.52 32.37 -7.20
N GLN C 125 3.66 31.41 -6.91
CA GLN C 125 3.61 30.88 -5.57
C GLN C 125 4.74 29.89 -5.45
N LYS C 126 4.96 29.19 -6.55
CA LYS C 126 5.93 28.08 -6.58
C LYS C 126 7.34 28.62 -6.73
N MET C 127 7.40 29.83 -7.25
CA MET C 127 8.68 30.47 -7.54
C MET C 127 9.30 30.77 -6.19
N VAL C 128 8.43 31.15 -5.28
CA VAL C 128 8.86 31.71 -4.00
C VAL C 128 9.05 30.63 -3.00
N ARG C 129 8.09 29.73 -2.98
N ARG C 129 8.05 29.78 -2.95
CA ARG C 129 8.17 28.59 -2.07
CA ARG C 129 8.10 28.56 -2.13
C ARG C 129 9.29 27.70 -2.55
C ARG C 129 9.34 27.77 -2.53
N ASP C 130 9.70 27.96 -3.78
CA ASP C 130 10.81 27.22 -4.40
C ASP C 130 12.11 27.89 -3.99
N ALA C 131 11.98 29.19 -3.84
CA ALA C 131 13.11 30.11 -3.69
C ALA C 131 13.79 29.92 -2.35
N GLU C 132 13.00 30.20 -1.32
CA GLU C 132 13.47 30.11 0.07
C GLU C 132 13.70 28.65 0.44
N ALA C 133 13.18 27.76 -0.40
CA ALA C 133 13.29 26.32 -0.13
C ALA C 133 14.73 25.91 -0.38
N ASN C 134 15.33 26.67 -1.27
CA ASN C 134 16.67 26.42 -1.81
C ASN C 134 17.50 27.67 -1.56
N ALA C 135 17.14 28.32 -0.46
CA ALA C 135 17.92 29.43 0.09
C ALA C 135 19.42 29.10 0.11
N GLU C 136 19.82 28.38 1.14
CA GLU C 136 21.22 27.96 1.25
C GLU C 136 21.67 27.59 -0.13
N ALA C 137 20.79 26.84 -0.76
CA ALA C 137 21.04 26.18 -2.04
C ALA C 137 21.64 27.15 -3.04
N ASP C 138 21.08 28.35 -3.04
CA ASP C 138 21.31 29.31 -4.13
C ASP C 138 22.39 30.29 -3.79
N ARG C 139 22.63 30.40 -2.49
CA ARG C 139 23.67 31.29 -1.96
C ARG C 139 24.96 30.57 -2.21
N LYS C 140 24.78 29.34 -2.67
CA LYS C 140 25.91 28.44 -2.94
C LYS C 140 26.40 28.61 -4.35
N PHE C 141 25.44 28.69 -5.25
CA PHE C 141 25.76 28.87 -6.67
C PHE C 141 26.31 30.26 -6.82
N GLU C 142 25.98 31.08 -5.83
CA GLU C 142 26.32 32.51 -5.80
C GLU C 142 27.81 32.77 -5.77
N GLU C 143 28.40 32.17 -4.76
CA GLU C 143 29.83 32.36 -4.47
C GLU C 143 30.62 31.49 -5.45
N LEU C 144 29.97 30.43 -5.92
CA LEU C 144 30.61 29.57 -6.93
C LEU C 144 30.90 30.41 -8.15
N VAL C 145 29.83 30.89 -8.78
CA VAL C 145 30.03 31.65 -10.02
C VAL C 145 30.92 32.87 -9.75
N GLN C 146 30.91 33.30 -8.50
CA GLN C 146 31.72 34.46 -8.09
C GLN C 146 33.16 34.12 -8.35
N THR C 147 33.47 32.88 -8.03
CA THR C 147 34.84 32.36 -7.97
C THR C 147 35.28 31.86 -9.33
N ARG C 148 34.34 31.29 -10.06
CA ARG C 148 34.63 30.86 -11.42
C ARG C 148 35.05 32.13 -12.11
N ASN C 149 34.18 33.13 -11.96
CA ASN C 149 34.34 34.39 -12.72
C ASN C 149 35.70 34.98 -12.41
N GLN C 150 36.09 34.82 -11.15
CA GLN C 150 37.38 35.28 -10.64
C GLN C 150 38.55 34.52 -11.25
N GLY C 151 38.41 33.21 -11.30
CA GLY C 151 39.49 32.33 -11.76
C GLY C 151 39.57 32.38 -13.28
N ASP C 152 38.44 32.74 -13.84
CA ASP C 152 38.28 32.88 -15.29
C ASP C 152 39.06 34.08 -15.77
N HIS C 153 39.01 35.15 -14.97
CA HIS C 153 39.60 36.43 -15.36
C HIS C 153 41.09 36.27 -15.32
N LEU C 154 41.49 35.38 -14.43
CA LEU C 154 42.91 35.09 -14.19
C LEU C 154 43.39 34.19 -15.29
N LEU C 155 42.87 32.98 -15.29
CA LEU C 155 43.06 32.08 -16.41
C LEU C 155 43.43 32.97 -17.57
N HIS C 156 42.64 34.02 -17.70
CA HIS C 156 42.77 35.01 -18.80
C HIS C 156 43.91 36.01 -18.56
N SER C 157 43.96 36.53 -17.34
CA SER C 157 44.83 37.68 -17.00
C SER C 157 46.22 37.25 -16.55
N THR C 158 46.39 35.94 -16.47
CA THR C 158 47.67 35.36 -16.16
C THR C 158 48.34 34.98 -17.46
N ARG C 159 47.51 34.42 -18.33
CA ARG C 159 47.94 33.73 -19.54
C ARG C 159 48.84 34.62 -20.37
N LYS C 160 48.82 35.90 -20.02
CA LYS C 160 49.47 36.93 -20.83
C LYS C 160 50.44 37.75 -20.02
N GLN C 161 50.91 37.15 -18.95
CA GLN C 161 52.00 37.71 -18.15
C GLN C 161 53.21 36.80 -18.28
N VAL C 162 53.05 35.81 -19.13
CA VAL C 162 54.09 34.80 -19.32
C VAL C 162 54.51 34.69 -20.79
N ASP C 172 60.66 25.96 -16.66
CA ASP C 172 60.56 27.41 -16.51
C ASP C 172 59.23 27.83 -15.93
N ASP C 173 59.37 28.32 -14.71
CA ASP C 173 58.26 28.71 -13.87
C ASP C 173 57.09 28.85 -14.78
N LYS C 174 57.42 28.77 -16.06
CA LYS C 174 56.39 28.78 -17.09
C LYS C 174 55.82 27.40 -17.29
N THR C 175 56.68 26.45 -17.55
CA THR C 175 56.17 25.13 -17.88
C THR C 175 55.26 24.82 -16.74
N ALA C 176 55.41 25.63 -15.71
CA ALA C 176 54.75 25.39 -14.43
C ALA C 176 53.44 26.16 -14.32
N ILE C 177 53.51 27.40 -14.77
CA ILE C 177 52.37 28.31 -14.66
C ILE C 177 51.28 27.73 -15.52
N GLU C 178 51.76 27.15 -16.60
CA GLU C 178 50.89 26.69 -17.68
C GLU C 178 50.17 25.51 -17.09
N SER C 179 50.78 25.01 -16.03
CA SER C 179 50.37 23.76 -15.41
C SER C 179 49.15 24.08 -14.59
N ALA C 180 49.43 24.93 -13.61
CA ALA C 180 48.41 25.60 -12.83
C ALA C 180 47.20 25.88 -13.70
N LEU C 181 47.51 26.47 -14.84
CA LEU C 181 46.52 27.07 -15.74
C LEU C 181 45.53 26.04 -16.19
N THR C 182 45.98 24.81 -16.12
CA THR C 182 45.21 23.66 -16.62
C THR C 182 44.68 22.87 -15.47
N ALA C 183 45.11 23.31 -14.30
CA ALA C 183 44.62 22.79 -13.04
C ALA C 183 43.51 23.73 -12.60
N LEU C 184 43.56 24.93 -13.17
CA LEU C 184 42.62 25.98 -12.80
C LEU C 184 41.44 25.89 -13.73
N GLU C 185 41.76 25.53 -14.95
N GLU C 185 41.74 25.53 -14.96
CA GLU C 185 40.78 25.44 -16.04
CA GLU C 185 40.73 25.47 -16.01
C GLU C 185 39.93 24.21 -15.83
C GLU C 185 39.94 24.19 -15.86
N THR C 186 40.52 23.25 -15.14
CA THR C 186 39.92 21.91 -15.06
C THR C 186 39.21 21.80 -13.75
N ALA C 187 39.19 22.93 -13.10
CA ALA C 187 38.55 23.09 -11.79
C ALA C 187 37.41 24.11 -11.86
N LEU C 188 37.63 25.12 -12.68
CA LEU C 188 36.64 26.17 -12.91
C LEU C 188 35.33 25.54 -13.35
N LYS C 189 35.49 24.40 -13.99
CA LYS C 189 34.38 23.73 -14.67
C LYS C 189 33.63 22.96 -13.62
N GLY C 190 34.28 22.91 -12.47
CA GLY C 190 33.79 22.20 -11.29
C GLY C 190 32.82 23.02 -10.48
N GLU C 191 32.15 22.35 -9.57
CA GLU C 191 31.15 22.95 -8.69
C GLU C 191 31.70 23.02 -7.29
N ASP C 192 32.99 22.70 -7.22
CA ASP C 192 33.73 22.82 -5.97
C ASP C 192 34.52 24.10 -5.96
N LYS C 193 34.05 25.02 -5.13
CA LYS C 193 34.59 26.38 -5.05
C LYS C 193 35.99 26.36 -4.48
N ALA C 194 36.06 25.90 -3.25
CA ALA C 194 37.30 25.93 -2.48
C ALA C 194 38.40 25.22 -3.27
N ALA C 195 37.95 24.37 -4.18
CA ALA C 195 38.84 23.68 -5.11
C ALA C 195 39.45 24.70 -6.06
N ILE C 196 38.60 25.12 -6.99
CA ILE C 196 38.93 26.20 -7.92
C ILE C 196 39.86 27.21 -7.28
N GLU C 197 39.43 27.70 -6.13
CA GLU C 197 40.15 28.72 -5.32
C GLU C 197 41.48 28.22 -4.79
N ALA C 198 41.52 26.94 -4.48
CA ALA C 198 42.77 26.30 -4.05
C ALA C 198 43.75 26.40 -5.20
N LYS C 199 43.21 26.13 -6.38
CA LYS C 199 44.01 25.91 -7.59
C LYS C 199 44.52 27.28 -7.97
N MET C 200 43.69 28.25 -7.63
CA MET C 200 44.02 29.64 -7.82
C MET C 200 45.19 29.92 -6.92
N GLN C 201 45.14 29.27 -5.77
CA GLN C 201 46.12 29.57 -4.73
C GLN C 201 47.48 29.20 -5.25
N GLU C 202 47.49 28.11 -6.00
CA GLU C 202 48.75 27.56 -6.52
C GLU C 202 49.33 28.50 -7.55
N LEU C 203 48.48 28.91 -8.47
CA LEU C 203 48.90 29.75 -9.58
C LEU C 203 49.50 30.96 -8.90
N ALA C 204 48.98 31.20 -7.72
CA ALA C 204 49.31 32.42 -6.96
C ALA C 204 50.75 32.37 -6.52
N GLN C 205 51.41 31.24 -6.77
CA GLN C 205 52.74 31.01 -6.19
C GLN C 205 53.74 30.24 -7.05
N VAL C 206 53.44 30.12 -8.33
CA VAL C 206 54.47 29.72 -9.30
C VAL C 206 54.71 30.91 -10.18
N SER C 207 53.86 31.90 -9.97
CA SER C 207 53.78 33.05 -10.88
C SER C 207 54.42 34.28 -10.29
N GLN C 208 54.96 34.11 -9.09
CA GLN C 208 55.57 35.23 -8.37
C GLN C 208 56.79 35.73 -9.13
N LYS C 209 57.41 34.79 -9.81
CA LYS C 209 58.73 35.00 -10.40
C LYS C 209 58.54 35.52 -11.80
N LEU C 210 57.38 36.14 -11.95
CA LEU C 210 57.05 36.94 -13.13
C LEU C 210 56.61 38.29 -12.64
N MET C 211 56.39 38.34 -11.35
CA MET C 211 56.11 39.60 -10.64
C MET C 211 57.38 40.09 -9.99
N GLU C 212 58.37 39.20 -9.96
CA GLU C 212 59.63 39.42 -9.23
C GLU C 212 60.74 39.93 -10.13
N VAL D 1 20.85 8.12 -43.92
CA VAL D 1 20.57 9.58 -43.85
C VAL D 1 21.79 10.33 -43.34
N LEU D 2 21.86 11.61 -43.66
CA LEU D 2 22.88 12.47 -43.10
C LEU D 2 22.22 13.43 -42.17
N LEU D 3 20.90 13.36 -42.20
CA LEU D 3 20.12 14.30 -41.42
C LEU D 3 19.10 13.56 -40.60
N LEU D 4 19.08 13.89 -39.32
CA LEU D 4 18.25 13.19 -38.35
C LEU D 4 17.69 14.08 -37.25
N ASP D 5 16.38 14.08 -37.21
CA ASP D 5 15.59 14.89 -36.27
C ASP D 5 15.58 14.11 -34.97
N VAL D 6 16.39 14.52 -34.03
CA VAL D 6 16.48 13.81 -32.77
C VAL D 6 16.15 14.70 -31.62
N THR D 7 16.19 14.07 -30.48
CA THR D 7 16.05 14.72 -29.18
C THR D 7 17.48 14.97 -28.69
N PRO D 8 17.99 16.21 -28.81
CA PRO D 8 19.41 16.40 -28.68
C PRO D 8 19.88 16.33 -27.22
N LEU D 9 18.94 16.54 -26.34
CA LEU D 9 19.18 16.28 -24.91
C LEU D 9 18.33 15.11 -24.45
N SER D 10 18.78 14.55 -23.33
CA SER D 10 18.02 13.58 -22.57
C SER D 10 16.95 14.33 -21.80
N LEU D 11 15.76 13.75 -21.87
CA LEU D 11 14.55 14.27 -21.25
C LEU D 11 14.16 13.41 -20.07
N GLY D 12 13.58 14.05 -19.07
CA GLY D 12 13.02 13.31 -17.94
C GLY D 12 12.54 14.11 -16.77
N ILE D 13 12.71 13.49 -15.61
CA ILE D 13 12.28 14.08 -14.35
C ILE D 13 13.26 13.81 -13.25
N GLU D 14 12.72 13.61 -12.07
CA GLU D 14 13.55 13.62 -10.89
C GLU D 14 13.19 12.63 -9.82
N THR D 15 13.78 12.91 -8.68
CA THR D 15 13.69 11.99 -7.55
C THR D 15 14.12 12.64 -6.26
N MET D 16 13.90 11.85 -5.23
CA MET D 16 14.30 12.18 -3.86
C MET D 16 15.79 12.34 -3.91
N GLY D 17 16.25 13.46 -3.39
CA GLY D 17 17.68 13.76 -3.36
C GLY D 17 18.01 14.71 -4.46
N GLY D 18 16.99 15.00 -5.25
CA GLY D 18 17.12 15.91 -6.39
C GLY D 18 17.97 15.30 -7.48
N VAL D 19 17.62 14.07 -7.80
CA VAL D 19 18.28 13.32 -8.91
C VAL D 19 17.55 13.43 -10.24
N MET D 20 18.29 13.17 -11.31
CA MET D 20 17.68 13.03 -12.66
C MET D 20 17.70 11.63 -13.17
N THR D 21 16.51 11.19 -13.55
CA THR D 21 16.32 9.89 -14.14
C THR D 21 15.87 10.15 -15.55
N THR D 22 15.97 9.14 -16.42
CA THR D 22 15.77 9.38 -17.86
C THR D 22 14.86 8.41 -18.62
N LEU D 23 13.79 9.02 -19.12
CA LEU D 23 12.80 8.36 -19.97
C LEU D 23 13.28 8.36 -21.41
N ILE D 24 13.32 9.57 -21.92
CA ILE D 24 13.83 9.88 -23.28
C ILE D 24 15.29 10.36 -23.26
N ALA D 25 16.12 9.57 -23.93
CA ALA D 25 17.58 9.75 -23.92
C ALA D 25 18.14 10.44 -25.15
N LYS D 26 19.09 11.32 -24.89
CA LYS D 26 19.76 12.16 -25.92
C LYS D 26 19.92 11.51 -27.27
N ASN D 27 19.55 12.28 -28.27
CA ASN D 27 19.64 11.87 -29.66
C ASN D 27 18.68 10.74 -29.98
N THR D 28 17.53 10.78 -29.34
CA THR D 28 16.44 9.86 -29.69
C THR D 28 15.61 10.49 -30.80
N THR D 29 15.33 9.71 -31.84
CA THR D 29 14.58 10.26 -32.98
C THR D 29 13.17 10.53 -32.58
N ILE D 30 12.56 11.49 -33.27
CA ILE D 30 11.13 11.71 -33.15
C ILE D 30 10.42 11.05 -34.32
N PRO D 31 9.11 10.80 -34.15
CA PRO D 31 8.49 11.02 -32.84
C PRO D 31 8.78 9.88 -31.87
N THR D 32 8.64 10.21 -30.58
CA THR D 32 8.73 9.22 -29.49
C THR D 32 8.00 9.56 -28.20
N LYS D 33 7.89 8.49 -27.42
CA LYS D 33 7.24 8.52 -26.11
C LYS D 33 7.70 7.41 -25.14
N HIS D 34 7.52 7.66 -23.87
CA HIS D 34 7.98 6.70 -22.86
C HIS D 34 7.31 6.94 -21.55
N SER D 35 7.08 5.83 -20.88
CA SER D 35 6.36 5.81 -19.61
C SER D 35 7.22 5.01 -18.67
N GLN D 36 7.00 5.28 -17.40
CA GLN D 36 7.73 4.63 -16.30
C GLN D 36 6.89 4.68 -15.02
N VAL D 37 7.30 3.87 -14.07
CA VAL D 37 6.75 3.95 -12.70
C VAL D 37 7.71 4.58 -11.66
N PHE D 38 7.12 5.48 -10.90
CA PHE D 38 7.74 6.05 -9.71
C PHE D 38 6.82 5.86 -8.54
N SER D 39 7.30 6.33 -7.39
CA SER D 39 6.52 6.29 -6.14
C SER D 39 6.91 7.35 -5.12
N THR D 40 6.44 7.18 -3.89
CA THR D 40 6.47 8.22 -2.84
C THR D 40 7.63 8.08 -1.87
N ALA D 41 8.25 9.22 -1.57
CA ALA D 41 9.53 9.25 -0.87
C ALA D 41 9.32 8.91 0.57
N GLU D 42 8.07 9.07 0.98
CA GLU D 42 7.70 8.95 2.38
C GLU D 42 6.37 8.24 2.57
N ASP D 43 6.33 7.48 3.66
CA ASP D 43 5.13 6.74 4.04
C ASP D 43 3.97 7.69 4.18
N ASN D 44 2.94 7.45 3.39
CA ASN D 44 1.67 8.13 3.59
C ASN D 44 1.77 9.53 3.01
N GLN D 45 2.40 9.55 1.85
CA GLN D 45 2.59 10.78 1.05
C GLN D 45 1.48 10.99 0.06
N SER D 46 0.57 11.88 0.41
CA SER D 46 -0.73 11.97 -0.26
C SER D 46 -0.65 12.74 -1.55
N ALA D 47 0.58 13.10 -1.90
CA ALA D 47 0.86 13.97 -3.05
C ALA D 47 2.29 13.93 -3.59
N VAL D 48 2.40 14.01 -4.90
CA VAL D 48 3.70 14.00 -5.59
C VAL D 48 3.85 15.15 -6.58
N THR D 49 5.04 15.72 -6.55
CA THR D 49 5.41 16.78 -7.46
C THR D 49 6.20 16.21 -8.59
N ILE D 50 5.72 16.54 -9.78
CA ILE D 50 6.39 16.20 -11.02
C ILE D 50 7.05 17.44 -11.61
N HIS D 51 8.36 17.50 -11.38
CA HIS D 51 9.24 18.53 -11.98
C HIS D 51 9.93 18.02 -13.23
N VAL D 52 9.60 18.65 -14.35
CA VAL D 52 10.07 18.20 -15.70
C VAL D 52 11.36 18.88 -16.17
N LEU D 53 12.33 18.02 -16.49
CA LEU D 53 13.70 18.45 -16.85
C LEU D 53 14.28 17.82 -18.11
N GLN D 54 15.07 18.63 -18.78
CA GLN D 54 15.91 18.22 -19.91
C GLN D 54 17.37 18.44 -19.55
N GLY D 55 18.20 17.44 -19.79
CA GLY D 55 19.63 17.53 -19.44
C GLY D 55 20.37 16.22 -19.42
N GLU D 56 21.68 16.33 -19.29
CA GLU D 56 22.56 15.17 -19.19
C GLU D 56 23.10 15.13 -17.79
N ARG D 57 22.76 16.17 -17.05
CA ARG D 57 23.27 16.37 -15.69
C ARG D 57 22.53 15.48 -14.71
N LYS D 58 23.29 15.04 -13.70
CA LYS D 58 22.79 14.16 -12.64
CA LYS D 58 22.79 14.16 -12.64
C LYS D 58 22.24 14.94 -11.45
N ARG D 59 22.75 16.13 -11.26
CA ARG D 59 22.12 17.00 -10.26
C ARG D 59 21.00 17.68 -11.01
N ALA D 60 19.87 17.00 -10.96
CA ALA D 60 18.63 17.39 -11.65
C ALA D 60 18.32 18.83 -11.31
N ALA D 61 19.34 19.48 -10.79
CA ALA D 61 19.23 20.87 -10.39
C ALA D 61 20.18 21.68 -11.24
N ASP D 62 20.79 20.96 -12.16
CA ASP D 62 21.77 21.55 -13.09
C ASP D 62 21.21 21.40 -14.47
N ASN D 63 20.12 20.68 -14.48
CA ASN D 63 19.31 20.48 -15.68
C ASN D 63 18.24 21.54 -15.67
N LYS D 64 17.92 22.01 -16.87
CA LYS D 64 16.91 23.07 -17.04
C LYS D 64 15.57 22.48 -16.74
N SER D 65 14.87 23.18 -15.87
CA SER D 65 13.49 22.90 -15.51
C SER D 65 12.59 23.41 -16.62
N LEU D 66 11.80 22.48 -17.14
CA LEU D 66 10.91 22.77 -18.24
C LEU D 66 9.55 23.18 -17.70
N GLY D 67 9.34 22.81 -16.44
CA GLY D 67 8.07 23.05 -15.72
C GLY D 67 7.75 22.11 -14.58
N GLN D 68 6.51 22.14 -14.14
CA GLN D 68 6.13 21.40 -12.92
C GLN D 68 4.68 21.53 -12.50
N PHE D 69 4.16 20.38 -12.08
CA PHE D 69 2.81 20.25 -11.55
C PHE D 69 2.69 19.22 -10.45
N ASN D 70 1.56 19.33 -9.77
CA ASN D 70 1.28 18.50 -8.61
C ASN D 70 0.36 17.38 -8.98
N LEU D 71 0.55 16.28 -8.28
CA LEU D 71 -0.31 15.11 -8.42
C LEU D 71 -0.76 14.61 -7.05
N ASP D 72 -1.82 15.22 -6.58
CA ASP D 72 -2.38 14.92 -5.28
C ASP D 72 -3.40 13.79 -5.35
N GLY D 73 -3.79 13.35 -4.17
CA GLY D 73 -4.84 12.33 -3.97
C GLY D 73 -4.37 10.90 -3.75
N ILE D 74 -3.08 10.78 -3.44
CA ILE D 74 -2.49 9.46 -3.09
C ILE D 74 -3.03 9.00 -1.75
N ASN D 75 -3.54 7.78 -1.74
CA ASN D 75 -4.06 7.18 -0.50
C ASN D 75 -2.92 6.82 0.43
N PRO D 76 -3.21 6.67 1.72
CA PRO D 76 -2.22 6.16 2.67
C PRO D 76 -1.58 4.89 2.16
N ALA D 77 -0.25 4.87 2.26
CA ALA D 77 0.56 3.73 1.81
C ALA D 77 2.06 3.83 2.19
N PRO D 78 2.72 2.68 2.37
CA PRO D 78 4.15 2.80 2.65
C PRO D 78 4.87 3.41 1.48
N ARG D 79 5.78 4.32 1.81
CA ARG D 79 6.60 4.95 0.79
C ARG D 79 7.09 3.85 -0.14
N GLY D 80 6.76 3.99 -1.41
CA GLY D 80 7.31 3.12 -2.46
C GLY D 80 6.28 2.16 -2.98
N MET D 81 5.18 2.10 -2.24
CA MET D 81 4.07 1.19 -2.56
C MET D 81 3.22 1.65 -3.76
N PRO D 82 2.62 2.86 -3.65
CA PRO D 82 1.86 3.40 -4.78
C PRO D 82 2.67 3.33 -6.03
N GLN D 83 1.97 3.01 -7.09
CA GLN D 83 2.56 2.98 -8.41
CA GLN D 83 2.56 2.97 -8.40
C GLN D 83 2.04 4.17 -9.16
N ILE D 84 2.95 5.06 -9.43
CA ILE D 84 2.66 6.30 -10.11
C ILE D 84 3.24 6.14 -11.49
N GLU D 85 2.39 6.27 -12.49
CA GLU D 85 2.88 6.32 -13.85
C GLU D 85 3.00 7.73 -14.37
N VAL D 86 4.24 8.10 -14.62
CA VAL D 86 4.52 9.29 -15.40
C VAL D 86 4.63 8.87 -16.86
N THR D 87 4.28 9.79 -17.74
CA THR D 87 4.47 9.60 -19.18
C THR D 87 5.05 10.83 -19.87
N PHE D 88 6.07 10.54 -20.66
CA PHE D 88 6.72 11.50 -21.57
C PHE D 88 6.32 11.20 -23.01
N ASP D 89 5.67 12.18 -23.61
CA ASP D 89 5.23 12.11 -25.01
C ASP D 89 5.69 13.29 -25.85
N ILE D 90 6.27 12.96 -27.00
CA ILE D 90 6.81 13.94 -27.97
C ILE D 90 6.44 13.59 -29.40
N ASP D 91 5.97 14.60 -30.09
CA ASP D 91 5.46 14.46 -31.47
C ASP D 91 6.33 15.07 -32.56
N ALA D 92 5.82 14.86 -33.77
CA ALA D 92 6.54 15.17 -34.98
C ALA D 92 6.84 16.64 -34.89
N ASP D 93 6.01 17.30 -34.11
CA ASP D 93 6.08 18.74 -33.92
C ASP D 93 7.09 19.00 -32.82
N GLY D 94 7.23 17.98 -31.98
CA GLY D 94 8.21 18.02 -30.89
C GLY D 94 7.69 18.85 -29.73
N ILE D 95 6.37 18.81 -29.68
CA ILE D 95 5.60 19.30 -28.53
C ILE D 95 5.54 18.15 -27.55
N LEU D 96 6.00 18.39 -26.32
CA LEU D 96 6.13 17.33 -25.32
C LEU D 96 4.99 17.28 -24.34
N HIS D 97 4.25 16.18 -24.44
CA HIS D 97 3.15 15.87 -23.52
C HIS D 97 3.59 15.00 -22.35
N VAL D 98 3.27 15.54 -21.19
CA VAL D 98 3.64 14.95 -19.90
C VAL D 98 2.43 14.67 -19.01
N SER D 99 2.21 13.38 -18.80
CA SER D 99 1.11 12.86 -18.00
C SER D 99 1.64 12.04 -16.84
N ALA D 100 0.90 12.11 -15.73
CA ALA D 100 1.19 11.33 -14.53
C ALA D 100 -0.07 10.77 -13.86
N LYS D 101 -0.11 9.45 -13.76
CA LYS D 101 -1.30 8.77 -13.19
C LYS D 101 -1.00 7.79 -12.08
N ASP D 102 -1.91 7.85 -11.13
CA ASP D 102 -1.90 6.99 -9.93
C ASP D 102 -2.80 5.78 -10.17
N LYS D 103 -2.24 4.61 -9.94
CA LYS D 103 -2.89 3.33 -10.26
C LYS D 103 -3.98 3.02 -9.27
N ASN D 104 -3.77 3.51 -8.05
CA ASN D 104 -4.72 3.31 -6.93
C ASN D 104 -5.96 4.14 -7.16
N SER D 105 -5.82 5.42 -6.87
CA SER D 105 -6.94 6.39 -6.89
C SER D 105 -7.45 6.67 -8.29
N GLY D 106 -6.58 6.40 -9.25
CA GLY D 106 -6.86 6.63 -10.69
C GLY D 106 -6.77 8.08 -11.08
N LYS D 107 -6.57 8.89 -10.06
CA LYS D 107 -6.45 10.34 -10.24
C LYS D 107 -5.24 10.64 -11.09
N GLU D 108 -5.41 11.58 -11.99
CA GLU D 108 -4.33 11.93 -12.91
C GLU D 108 -4.30 13.37 -13.35
N GLN D 109 -3.06 13.78 -13.54
CA GLN D 109 -2.74 15.14 -13.94
C GLN D 109 -1.82 15.12 -15.15
N LYS D 110 -1.89 16.19 -15.90
CA LYS D 110 -0.99 16.38 -17.03
C LYS D 110 -0.61 17.83 -17.25
N ILE D 111 0.46 18.01 -18.01
CA ILE D 111 0.74 19.30 -18.63
C ILE D 111 1.23 19.16 -20.06
N THR D 112 1.38 20.33 -20.65
CA THR D 112 1.80 20.46 -22.03
C THR D 112 2.89 21.51 -22.09
N ILE D 113 3.87 21.26 -22.95
CA ILE D 113 5.07 22.12 -23.07
C ILE D 113 5.55 22.32 -24.49
N LYS D 114 5.44 23.58 -24.90
CA LYS D 114 5.79 24.04 -26.24
C LYS D 114 7.18 23.62 -26.67
N ALA D 115 7.40 23.84 -27.95
CA ALA D 115 8.56 23.30 -28.64
C ALA D 115 9.77 24.13 -28.33
N SER D 116 9.52 25.42 -28.15
CA SER D 116 10.61 26.40 -27.96
C SER D 116 11.27 26.16 -26.63
N SER D 117 10.42 26.21 -25.62
CA SER D 117 10.77 25.93 -24.24
C SER D 117 12.09 25.21 -24.06
N GLY D 118 12.92 25.81 -23.23
CA GLY D 118 14.10 25.15 -22.67
C GLY D 118 15.42 25.70 -23.07
N LEU D 119 16.25 24.79 -23.58
CA LEU D 119 17.62 25.11 -23.94
C LEU D 119 17.86 25.06 -25.42
N ASN D 120 18.43 26.16 -25.89
CA ASN D 120 18.79 26.33 -27.30
C ASN D 120 20.04 25.56 -27.65
N GLU D 121 20.48 25.77 -28.89
CA GLU D 121 21.48 24.89 -29.54
C GLU D 121 22.81 25.03 -28.85
N ASP D 122 23.11 26.27 -28.51
CA ASP D 122 24.41 26.61 -27.93
C ASP D 122 24.37 26.09 -26.48
N GLU D 123 23.18 26.14 -25.90
CA GLU D 123 22.97 25.68 -24.51
C GLU D 123 23.04 24.16 -24.40
N ILE D 124 22.79 23.49 -25.52
CA ILE D 124 22.83 22.02 -25.59
C ILE D 124 24.28 21.56 -25.73
N GLN D 125 25.02 22.37 -26.47
CA GLN D 125 26.43 22.10 -26.73
C GLN D 125 27.21 22.21 -25.45
N LYS D 126 26.92 23.28 -24.77
CA LYS D 126 27.61 23.54 -23.51
C LYS D 126 27.26 22.43 -22.52
N MET D 127 25.98 22.06 -22.48
CA MET D 127 25.47 21.13 -21.47
C MET D 127 26.19 19.82 -21.65
N VAL D 128 26.33 19.45 -22.90
CA VAL D 128 26.98 18.19 -23.22
C VAL D 128 28.41 18.21 -22.67
N ARG D 129 29.06 19.35 -22.80
CA ARG D 129 30.47 19.50 -22.39
C ARG D 129 30.55 19.51 -20.87
N ASP D 130 29.73 20.37 -20.29
CA ASP D 130 29.66 20.52 -18.82
C ASP D 130 29.40 19.16 -18.17
N ALA D 131 28.62 18.36 -18.86
CA ALA D 131 28.19 17.07 -18.34
C ALA D 131 29.37 16.13 -18.28
N GLU D 132 30.14 16.13 -19.35
CA GLU D 132 31.34 15.26 -19.48
C GLU D 132 32.44 15.72 -18.51
N ALA D 133 32.44 17.00 -18.20
CA ALA D 133 33.49 17.54 -17.34
C ALA D 133 33.15 17.18 -15.91
N ASN D 134 31.87 16.98 -15.70
CA ASN D 134 31.30 16.77 -14.37
C ASN D 134 30.95 15.31 -14.20
N ALA D 135 31.63 14.56 -15.04
CA ALA D 135 31.43 13.12 -15.18
C ALA D 135 31.56 12.39 -13.86
N GLU D 136 32.80 12.18 -13.46
CA GLU D 136 33.10 11.37 -12.27
C GLU D 136 32.43 12.01 -11.08
N ALA D 137 32.34 13.32 -11.17
CA ALA D 137 31.81 14.14 -10.09
C ALA D 137 30.33 13.87 -9.97
N ASP D 138 29.78 13.28 -11.02
CA ASP D 138 28.34 12.97 -11.08
C ASP D 138 28.09 11.51 -10.72
N ARG D 139 29.13 10.73 -10.86
CA ARG D 139 29.05 9.29 -10.69
C ARG D 139 29.11 9.06 -9.20
N LYS D 140 29.42 10.18 -8.57
CA LYS D 140 29.74 10.26 -7.15
C LYS D 140 28.53 10.78 -6.40
N PHE D 141 28.00 11.87 -6.90
CA PHE D 141 26.73 12.43 -6.41
C PHE D 141 25.81 11.25 -6.35
N GLU D 142 26.35 10.19 -6.93
CA GLU D 142 25.60 8.94 -7.21
C GLU D 142 25.26 8.18 -5.96
N GLU D 143 26.05 7.14 -5.75
CA GLU D 143 25.93 6.28 -4.55
CA GLU D 143 25.93 6.28 -4.55
C GLU D 143 25.64 7.16 -3.36
N LEU D 144 26.22 8.34 -3.41
CA LEU D 144 25.87 9.33 -2.43
C LEU D 144 24.37 9.17 -2.33
N VAL D 145 23.72 10.14 -2.97
CA VAL D 145 22.26 10.39 -2.89
C VAL D 145 21.44 9.18 -2.46
N GLN D 146 21.99 8.03 -2.81
CA GLN D 146 21.46 6.73 -2.42
C GLN D 146 21.51 6.67 -0.92
N THR D 147 22.73 6.89 -0.48
CA THR D 147 23.12 6.75 0.92
C THR D 147 22.30 7.77 1.64
N ARG D 148 21.96 8.80 0.89
CA ARG D 148 21.38 10.00 1.48
C ARG D 148 19.90 9.79 1.61
N ASN D 149 19.41 8.97 0.68
CA ASN D 149 18.03 8.53 0.69
C ASN D 149 17.78 7.87 2.02
N GLN D 150 18.44 6.74 2.12
CA GLN D 150 18.38 5.85 3.30
C GLN D 150 18.13 6.64 4.56
N GLY D 151 18.50 7.91 4.50
CA GLY D 151 18.59 8.76 5.69
C GLY D 151 17.19 8.85 6.20
N ASP D 152 16.33 8.37 5.33
CA ASP D 152 14.91 8.30 5.59
C ASP D 152 14.60 6.86 5.84
N HIS D 153 15.03 6.09 4.87
CA HIS D 153 14.92 4.64 4.90
C HIS D 153 14.74 4.17 6.31
N LEU D 154 15.81 4.31 7.07
CA LEU D 154 15.74 4.07 8.50
C LEU D 154 15.11 5.29 9.15
N LEU D 155 15.88 6.36 9.16
CA LEU D 155 15.57 7.53 9.99
C LEU D 155 14.09 7.90 10.05
N HIS D 156 13.28 7.31 9.18
CA HIS D 156 11.86 7.69 9.14
C HIS D 156 10.98 6.85 10.03
N SER D 157 10.80 5.59 9.67
CA SER D 157 9.91 4.71 10.43
C SER D 157 10.32 4.78 11.88
N THR D 158 11.51 5.33 12.07
CA THR D 158 12.17 5.32 13.38
C THR D 158 11.76 6.56 14.15
N ARG D 159 11.02 7.41 13.47
CA ARG D 159 10.49 8.64 14.06
C ARG D 159 9.00 8.49 14.36
N LYS D 160 8.36 7.63 13.60
CA LYS D 160 6.92 7.35 13.75
C LYS D 160 6.70 6.09 14.55
N GLN D 161 7.71 5.23 14.50
CA GLN D 161 7.62 3.91 15.10
C GLN D 161 7.40 4.14 16.56
N VAL D 162 7.85 5.33 16.94
CA VAL D 162 7.82 5.74 18.34
C VAL D 162 6.36 5.94 18.70
N GLU D 163 5.75 6.89 18.01
CA GLU D 163 4.32 7.09 18.11
C GLU D 163 3.69 5.77 18.54
N GLU D 164 4.04 4.75 17.79
CA GLU D 164 3.47 3.40 17.95
C GLU D 164 3.71 2.86 19.34
N ALA D 165 4.95 3.07 19.73
CA ALA D 165 5.51 2.59 21.00
C ALA D 165 5.24 3.61 22.08
N GLY D 166 4.30 4.48 21.74
CA GLY D 166 3.85 5.58 22.59
C GLY D 166 4.69 5.90 23.80
N ASP D 167 4.24 5.35 24.92
CA ASP D 167 4.74 5.70 26.25
C ASP D 167 5.70 4.63 26.75
N LYS D 168 5.70 3.52 26.01
CA LYS D 168 6.47 2.32 26.36
C LYS D 168 7.94 2.57 26.11
N LEU D 169 8.29 3.85 26.05
CA LEU D 169 9.65 4.28 25.72
C LEU D 169 10.37 5.00 26.85
N PRO D 170 11.47 4.42 27.37
CA PRO D 170 12.23 5.08 28.41
C PRO D 170 13.01 6.28 27.91
N ALA D 171 12.74 7.40 28.54
CA ALA D 171 13.25 8.72 28.13
C ALA D 171 14.76 8.72 28.15
N ASP D 172 15.29 7.51 28.07
CA ASP D 172 16.72 7.27 28.06
C ASP D 172 17.14 6.64 26.76
N ASP D 173 16.09 6.22 26.08
CA ASP D 173 16.15 5.74 24.70
C ASP D 173 15.84 6.91 23.80
N LYS D 174 14.86 7.69 24.24
CA LYS D 174 14.35 8.82 23.45
C LYS D 174 15.33 9.97 23.35
N THR D 175 16.29 10.03 24.27
CA THR D 175 17.32 11.07 24.20
C THR D 175 18.32 10.61 23.16
N ALA D 176 19.00 9.55 23.53
CA ALA D 176 20.02 8.97 22.67
C ALA D 176 19.43 8.93 21.27
N ILE D 177 18.18 8.51 21.22
CA ILE D 177 17.51 8.34 19.93
C ILE D 177 17.42 9.67 19.23
N GLU D 178 16.70 10.55 19.90
CA GLU D 178 16.38 11.87 19.37
C GLU D 178 17.62 12.60 18.90
N SER D 179 18.68 12.37 19.63
CA SER D 179 19.90 13.16 19.48
C SER D 179 20.87 12.32 18.66
N ALA D 180 20.25 11.42 17.91
CA ALA D 180 20.95 10.57 16.94
C ALA D 180 20.24 10.65 15.61
N LEU D 181 19.08 11.31 15.71
CA LEU D 181 18.23 11.68 14.56
C LEU D 181 18.62 13.07 14.13
N THR D 182 18.82 13.87 15.16
CA THR D 182 19.31 15.23 15.03
C THR D 182 20.73 15.15 14.53
N ALA D 183 21.53 14.54 15.37
CA ALA D 183 22.92 14.24 15.03
C ALA D 183 22.94 13.52 13.69
N LEU D 184 21.74 13.35 13.14
CA LEU D 184 21.59 12.69 11.83
C LEU D 184 20.90 13.56 10.77
N GLU D 185 19.94 14.35 11.22
CA GLU D 185 19.08 15.13 10.32
C GLU D 185 19.88 15.89 9.29
N THR D 186 20.70 16.78 9.81
CA THR D 186 21.50 17.77 9.03
C THR D 186 22.31 17.20 7.88
N ALA D 187 23.57 16.93 8.18
CA ALA D 187 24.52 16.34 7.22
C ALA D 187 23.92 15.08 6.62
N LEU D 188 22.61 15.13 6.55
CA LEU D 188 21.86 14.20 5.72
C LEU D 188 21.59 14.94 4.44
N LYS D 189 22.22 16.11 4.35
CA LYS D 189 22.01 17.00 3.21
C LYS D 189 23.21 16.97 2.29
N GLY D 190 24.34 16.66 2.88
CA GLY D 190 25.65 16.83 2.26
C GLY D 190 26.15 15.64 1.46
N GLU D 191 27.26 15.91 0.79
CA GLU D 191 27.93 14.92 -0.07
CA GLU D 191 27.92 14.90 -0.06
C GLU D 191 29.00 14.20 0.73
N ASP D 192 28.66 13.91 1.97
CA ASP D 192 29.53 13.10 2.83
C ASP D 192 28.87 11.75 3.06
N LYS D 193 29.38 10.74 2.38
CA LYS D 193 28.73 9.42 2.32
C LYS D 193 29.11 8.54 3.51
N ALA D 194 30.32 8.67 3.98
CA ALA D 194 30.71 7.86 5.15
C ALA D 194 30.02 8.47 6.32
N ALA D 195 29.84 9.77 6.22
CA ALA D 195 29.34 10.54 7.35
C ALA D 195 27.92 10.11 7.63
N ILE D 196 27.14 10.02 6.56
CA ILE D 196 25.73 9.64 6.69
C ILE D 196 25.69 8.23 7.25
N GLU D 197 26.52 7.38 6.67
CA GLU D 197 26.52 5.97 7.09
C GLU D 197 27.08 5.77 8.50
N ALA D 198 27.73 6.79 9.05
CA ALA D 198 28.23 6.68 10.42
C ALA D 198 27.18 7.11 11.44
N LYS D 199 26.37 8.08 11.03
CA LYS D 199 25.23 8.51 11.86
C LYS D 199 24.12 7.46 11.80
N MET D 200 24.09 6.65 10.77
CA MET D 200 23.01 5.63 10.64
C MET D 200 23.25 4.60 11.72
N GLN D 201 24.53 4.32 11.88
CA GLN D 201 24.97 3.25 12.80
C GLN D 201 24.62 3.62 14.23
N GLU D 202 25.00 4.85 14.59
CA GLU D 202 24.82 5.34 15.96
C GLU D 202 23.34 5.41 16.26
N LEU D 203 22.59 5.33 15.17
CA LEU D 203 21.11 5.29 15.19
C LEU D 203 20.71 3.91 15.60
N ALA D 204 21.11 2.99 14.76
CA ALA D 204 20.87 1.56 14.98
C ALA D 204 21.25 1.24 16.42
N GLN D 205 22.55 1.15 16.59
CA GLN D 205 23.17 0.92 17.89
C GLN D 205 22.23 1.18 19.04
N VAL D 206 21.50 2.28 18.93
CA VAL D 206 20.75 2.84 20.09
C VAL D 206 19.25 2.63 19.94
N SER D 207 18.90 1.85 18.94
CA SER D 207 17.48 1.56 18.62
C SER D 207 17.07 0.12 18.94
N GLN D 208 17.83 -0.50 19.82
CA GLN D 208 17.60 -1.92 20.17
C GLN D 208 16.30 -2.14 20.91
N LYS D 209 15.90 -1.11 21.64
CA LYS D 209 14.75 -1.19 22.56
C LYS D 209 13.51 -0.73 21.81
N LEU D 210 13.78 -0.09 20.70
CA LEU D 210 12.75 0.49 19.83
C LEU D 210 12.23 -0.63 18.97
N MET D 211 13.20 -1.47 18.62
CA MET D 211 12.95 -2.73 17.92
C MET D 211 11.85 -3.51 18.61
N GLU D 212 12.00 -3.61 19.93
CA GLU D 212 11.07 -4.36 20.79
C GLU D 212 9.77 -3.60 20.97
N ILE D 213 9.89 -2.31 21.23
CA ILE D 213 8.72 -1.56 21.64
C ILE D 213 7.70 -1.50 20.52
N ALA D 214 7.98 -2.29 19.48
CA ALA D 214 7.07 -2.45 18.31
C ALA D 214 7.38 -3.70 17.48
N LYS E 3 -5.01 -14.74 -8.15
CA LYS E 3 -3.73 -15.13 -7.50
C LYS E 3 -3.83 -14.76 -6.05
N LEU E 4 -3.95 -13.45 -5.88
CA LEU E 4 -3.93 -12.79 -4.56
C LEU E 4 -5.31 -12.77 -3.91
N TYR E 5 -5.52 -13.82 -3.13
CA TYR E 5 -6.70 -14.00 -2.29
C TYR E 5 -6.50 -13.25 -1.00
N ALC E 6 -7.45 -12.51 -0.43
CA ALC E 6 -7.49 -11.42 0.53
C ALC E 6 -7.98 -11.94 1.85
O ALC E 6 -9.11 -12.38 1.95
CB ALC E 6 -8.41 -10.30 0.02
CG ALC E 6 -8.00 -9.78 -1.34
CD2 ALC E 6 -8.91 -8.65 -1.72
CE2 ALC E 6 -8.59 -8.31 -3.16
CZ ALC E 6 -7.17 -7.80 -3.26
CE1 ALC E 6 -6.20 -8.82 -2.72
CD1 ALC E 6 -6.61 -9.21 -1.32
N LEU E 7 -7.37 -11.51 2.97
CA LEU E 7 -7.54 -12.03 4.37
C LEU E 7 -8.54 -11.19 5.18
N PRO E 8 -9.39 -11.86 5.95
CA PRO E 8 -10.31 -11.10 6.81
C PRO E 8 -9.62 -10.37 7.94
N ARG E 9 -10.39 -9.50 8.55
CA ARG E 9 -10.03 -8.82 9.80
C ARG E 9 -10.73 -9.50 10.97
N PRO E 10 -10.06 -9.59 12.12
CA PRO E 10 -10.71 -10.30 13.21
C PRO E 10 -12.10 -9.77 13.51
N THR E 11 -12.92 -10.68 14.01
CA THR E 11 -14.21 -10.31 14.58
C THR E 11 -13.95 -9.40 15.77
N PRO E 12 -14.69 -8.29 15.86
CA PRO E 12 -14.53 -7.32 16.93
C PRO E 12 -15.53 -7.45 18.06
N PRO E 13 -15.45 -6.56 19.06
CA PRO E 13 -16.60 -6.44 19.93
C PRO E 13 -17.56 -5.42 19.37
N ARG E 14 -18.04 -4.55 20.23
CA ARG E 14 -18.72 -3.38 19.71
C ARG E 14 -20.13 -3.72 19.31
N LYS F 3 -37.01 -31.26 22.38
CA LYS F 3 -37.37 -32.44 23.23
C LYS F 3 -36.31 -33.52 23.19
N LEU F 4 -36.78 -34.66 22.73
CA LEU F 4 -35.99 -35.89 22.71
C LEU F 4 -34.98 -35.87 21.60
N TYR F 5 -33.80 -35.35 21.92
CA TYR F 5 -32.65 -35.37 21.01
C TYR F 5 -32.04 -36.77 20.92
N ALC F 6 -31.47 -37.14 19.84
CA ALC F 6 -30.99 -38.44 19.47
C ALC F 6 -29.47 -38.49 19.45
O ALC F 6 -28.76 -37.50 19.33
CB ALC F 6 -31.59 -38.86 18.13
CG ALC F 6 -33.10 -38.72 18.09
CD2 ALC F 6 -33.58 -39.40 16.84
CE2 ALC F 6 -35.08 -39.46 16.73
CZ ALC F 6 -35.66 -40.11 17.96
CE1 ALC F 6 -35.21 -39.39 19.22
CD1 ALC F 6 -33.71 -39.41 19.29
N LEU F 7 -28.83 -39.66 19.43
CA LEU F 7 -27.36 -39.77 19.48
C LEU F 7 -26.84 -40.83 18.51
N PRO F 8 -25.78 -40.49 17.77
CA PRO F 8 -25.16 -41.33 16.75
C PRO F 8 -24.40 -42.50 17.34
N ARG F 9 -24.04 -43.39 16.42
CA ARG F 9 -23.31 -44.63 16.73
C ARG F 9 -21.80 -44.43 16.71
N PRO F 10 -21.11 -45.04 17.69
CA PRO F 10 -19.67 -44.99 17.70
C PRO F 10 -19.20 -45.41 16.34
N THR F 11 -18.02 -44.94 15.98
CA THR F 11 -17.52 -45.13 14.63
C THR F 11 -17.91 -46.50 14.13
N LYS G 3 15.55 0.30 -10.38
CA LYS G 3 14.87 0.85 -11.57
C LYS G 3 13.71 1.72 -11.11
N LEU G 4 13.29 1.42 -9.89
CA LEU G 4 12.12 2.09 -9.28
C LEU G 4 12.66 3.31 -8.55
N TYR G 5 11.90 4.40 -8.64
CA TYR G 5 12.34 5.66 -8.04
C TYR G 5 11.19 6.39 -7.37
N ALC G 6 11.45 7.34 -6.58
CA ALC G 6 10.69 7.87 -5.48
C ALC G 6 10.52 9.34 -5.76
O ALC G 6 11.45 9.93 -6.25
CB ALC G 6 11.42 7.75 -4.13
CG ALC G 6 11.83 6.34 -3.81
CD2 ALC G 6 11.98 6.20 -2.31
CE2 ALC G 6 12.23 4.77 -1.87
CZ ALC G 6 11.32 3.75 -2.52
CE1 ALC G 6 11.33 3.95 -4.01
CD1 ALC G 6 10.81 5.34 -4.30
N LEU G 7 9.18 9.86 -5.00
CA LEU G 7 8.96 11.25 -5.51
C LEU G 7 8.75 12.20 -4.35
N PRO G 8 9.18 13.45 -4.51
CA PRO G 8 8.96 14.28 -3.35
C PRO G 8 7.58 14.90 -3.35
N ARG G 9 7.15 15.23 -2.15
CA ARG G 9 5.88 15.94 -1.96
CA ARG G 9 5.90 15.96 -1.91
C ARG G 9 5.98 17.36 -2.54
N PRO G 10 4.85 18.08 -2.56
CA PRO G 10 4.97 19.45 -3.01
C PRO G 10 5.53 20.33 -1.90
N THR G 11 6.55 21.07 -2.26
CA THR G 11 7.18 22.01 -1.34
C THR G 11 6.09 22.59 -0.46
N PRO G 12 6.34 22.64 0.86
CA PRO G 12 5.30 23.17 1.71
C PRO G 12 5.31 24.68 1.76
N PRO G 13 4.51 25.23 2.68
CA PRO G 13 4.29 26.51 3.35
C PRO G 13 5.05 26.64 4.66
N ARG G 14 5.86 27.69 4.69
CA ARG G 14 6.90 27.94 5.73
C ARG G 14 7.28 26.71 6.56
N LYS H 3 29.18 48.32 -6.07
CA LYS H 3 29.33 47.08 -6.90
C LYS H 3 29.14 47.38 -8.37
N LEU H 4 29.45 46.36 -9.16
CA LEU H 4 29.36 46.37 -10.65
C LEU H 4 29.38 44.96 -11.25
N TYR H 5 28.47 44.71 -12.17
CA TYR H 5 28.30 43.37 -12.77
C TYR H 5 28.61 43.27 -14.26
N ALC H 6 28.99 42.00 -14.76
CA ALC H 6 29.50 41.80 -16.10
C ALC H 6 28.58 40.87 -16.86
O ALC H 6 27.83 40.11 -16.29
CB ALC H 6 30.93 41.28 -16.03
CG ALC H 6 31.75 42.14 -15.07
CD2 ALC H 6 33.01 41.40 -14.69
CE2 ALC H 6 33.85 42.30 -13.81
CZ ALC H 6 34.32 43.51 -14.59
CE1 ALC H 6 33.07 44.29 -14.92
CD1 ALC H 6 32.11 43.44 -15.75
N LEU H 7 28.52 40.84 -17.98
CA LEU H 7 27.55 40.21 -18.93
C LEU H 7 28.29 39.18 -19.76
N PRO H 8 27.61 38.47 -20.65
CA PRO H 8 28.53 37.83 -21.56
C PRO H 8 28.32 38.35 -22.95
N ARG H 9 29.25 37.86 -23.78
N ARG H 9 29.09 37.79 -23.88
CA ARG H 9 29.09 38.06 -25.21
CA ARG H 9 28.95 38.06 -25.30
C ARG H 9 27.84 37.34 -25.70
C ARG H 9 27.73 37.30 -25.78
N PRO H 10 27.03 37.82 -26.80
CA PRO H 10 25.90 37.04 -27.30
C PRO H 10 26.34 35.82 -28.09
N THR H 11 25.43 34.86 -28.10
CA THR H 11 25.53 33.56 -28.82
C THR H 11 26.74 33.38 -29.70
S SO4 I . 2.74 30.69 1.81
O1 SO4 I . 3.89 31.04 0.95
O2 SO4 I . 2.14 31.86 2.46
O3 SO4 I . 1.73 30.02 0.97
O4 SO4 I . 3.25 29.75 2.84
#